data_4OZO
#
_entry.id   4OZO
#
_cell.length_a   125.300
_cell.length_b   122.170
_cell.length_c   159.650
_cell.angle_alpha   90.000
_cell.angle_beta   90.000
_cell.angle_gamma   90.000
#
_symmetry.space_group_name_H-M   'I 21 21 21'
#
loop_
_entity.id
_entity.type
_entity.pdbx_description
1 polymer 'Putative lipoprotein'
2 non-polymer GLYCEROL
3 non-polymer '2-nitrophenyl 1-thio-beta-D-galactopyranoside'
4 water water
#
_entity_poly.entity_id   1
_entity_poly.type   'polypeptide(L)'
_entity_poly.pdbx_seq_one_letter_code
;MSLAPCGLVPSARQLEWYNREMIAFFHFGINTFEEYVNEGDGKASTAIFNPTALDCRQWMQTLKAAGIPAAILTAKHADG
FCLWPSKYTDYSVKNAAWKNGKGDVVREFVDACEEYGLKAGIYLGPHDRHEHLSPLYTTERYKEYYAHQLGELMSDYGKI
WETWWDGAGADELTTPVYRHWYKIVREKQPDCVIFGTKNSYPFADVRWMGNEAGEAGDPCWATTDSVAIRDEAQYYKGLN
EGMLDGDAYIPAETDVSIRPSWFYHAEEDSRVKSVRELWDIYCTSVGRNSVLLLNFPPDRRGLIHSTDSLHAALLKQGID
ETFSTNLLRGAKVKATNVRGAKYSPEKMLDNEKNTYFAGKDGEVKADIIFTLPKTIEFDCLMIEEVIELGHRTTKWSVEY
TVDGKNWITIPEATDKQAIGHKWIVRLAPVKAKQVRLRIQDGKACPAIHTFGVYKQSPVFKEGHHHHHH
;
_entity_poly.pdbx_strand_id   A,B
#
# COMPACT_ATOMS: atom_id res chain seq x y z
N SER A 2 17.74 -42.33 12.17
CA SER A 2 17.05 -41.05 12.34
C SER A 2 16.89 -40.68 13.82
N LEU A 3 16.43 -39.46 14.07
CA LEU A 3 16.17 -39.00 15.42
C LEU A 3 14.79 -39.42 15.87
N ALA A 4 14.61 -39.53 17.17
CA ALA A 4 13.31 -39.83 17.73
C ALA A 4 12.80 -38.59 18.39
N PRO A 5 11.49 -38.34 18.24
CA PRO A 5 10.83 -37.18 18.85
C PRO A 5 11.09 -37.11 20.35
N CYS A 6 10.97 -35.93 20.93
CA CYS A 6 11.11 -35.80 22.37
C CYS A 6 9.80 -35.26 22.93
N GLY A 7 9.17 -36.04 23.79
CA GLY A 7 7.93 -35.63 24.42
C GLY A 7 6.83 -35.50 23.38
N LEU A 8 5.91 -34.57 23.62
CA LEU A 8 4.75 -34.42 22.77
C LEU A 8 5.09 -33.76 21.43
N VAL A 9 4.51 -34.29 20.35
CA VAL A 9 4.71 -33.73 19.01
C VAL A 9 3.44 -33.13 18.43
N PRO A 10 3.59 -32.23 17.45
CA PRO A 10 2.43 -31.67 16.73
C PRO A 10 1.80 -32.72 15.84
N SER A 11 0.62 -32.41 15.32
CA SER A 11 -0.06 -33.28 14.38
C SER A 11 0.05 -32.69 12.99
N ALA A 12 -0.41 -33.42 11.99
CA ALA A 12 -0.37 -32.93 10.61
C ALA A 12 -1.13 -31.61 10.44
N ARG A 13 -2.32 -31.52 11.04
CA ARG A 13 -3.08 -30.27 11.02
C ARG A 13 -2.26 -29.15 11.65
N GLN A 14 -1.68 -29.45 12.80
CA GLN A 14 -0.89 -28.46 13.51
C GLN A 14 0.36 -28.03 12.75
N LEU A 15 0.95 -28.95 11.99
CA LEU A 15 2.06 -28.60 11.12
C LEU A 15 1.60 -27.61 10.06
N GLU A 16 0.51 -27.97 9.38
CA GLU A 16 -0.08 -27.12 8.36
C GLU A 16 -0.40 -25.71 8.90
N TRP A 17 -0.99 -25.66 10.08
CA TRP A 17 -1.34 -24.40 10.73
C TRP A 17 -0.10 -23.56 11.02
N TYR A 18 0.92 -24.16 11.61
CA TYR A 18 2.17 -23.45 11.93
C TYR A 18 2.79 -22.80 10.68
N ASN A 19 2.72 -23.51 9.55
CA ASN A 19 3.38 -23.04 8.36
C ASN A 19 2.63 -21.93 7.62
N ARG A 20 1.42 -21.61 8.09
CA ARG A 20 0.69 -20.45 7.58
C ARG A 20 1.37 -19.16 8.07
N GLU A 21 1.82 -19.20 9.32
CA GLU A 21 2.46 -18.06 9.99
C GLU A 21 1.49 -16.92 10.28
N MET A 22 0.76 -16.50 9.26
CA MET A 22 -0.25 -15.47 9.44
C MET A 22 -1.63 -15.92 8.94
N ILE A 23 -2.65 -15.48 9.65
CA ILE A 23 -4.04 -15.71 9.24
C ILE A 23 -4.78 -14.37 9.37
N ALA A 24 -5.74 -14.13 8.48
CA ALA A 24 -6.55 -12.92 8.59
C ALA A 24 -7.88 -13.21 9.27
N PHE A 25 -8.30 -12.29 10.11
CA PHE A 25 -9.64 -12.29 10.68
C PHE A 25 -10.44 -11.26 9.89
N PHE A 26 -11.71 -11.55 9.67
CA PHE A 26 -12.66 -10.57 9.15
C PHE A 26 -13.90 -10.47 10.08
N HIS A 27 -13.91 -9.48 10.95
CA HIS A 27 -15.10 -9.21 11.76
C HIS A 27 -16.09 -8.33 10.99
N PHE A 28 -17.24 -8.91 10.70
CA PHE A 28 -18.18 -8.29 9.78
C PHE A 28 -19.57 -8.85 10.03
N GLY A 29 -20.54 -7.97 10.19
CA GLY A 29 -21.90 -8.44 10.33
C GLY A 29 -22.86 -7.31 10.64
N ILE A 30 -23.88 -7.61 11.44
CA ILE A 30 -24.89 -6.63 11.76
C ILE A 30 -24.29 -5.48 12.58
N ASN A 31 -23.29 -5.79 13.41
CA ASN A 31 -22.58 -4.78 14.21
C ASN A 31 -22.07 -3.62 13.39
N THR A 32 -21.54 -3.95 12.21
CA THR A 32 -20.97 -2.97 11.31
C THR A 32 -21.96 -1.87 10.93
N PHE A 33 -23.25 -2.19 11.00
CA PHE A 33 -24.29 -1.26 10.53
C PHE A 33 -25.05 -0.57 11.66
N GLU A 34 -24.65 -0.84 12.90
CA GLU A 34 -25.04 0.00 14.02
C GLU A 34 -23.96 1.07 14.22
N GLU A 35 -24.28 2.12 14.97
CA GLU A 35 -23.28 3.14 15.24
C GLU A 35 -22.41 2.74 16.41
N TYR A 36 -21.15 2.43 16.11
CA TYR A 36 -20.13 2.21 17.13
C TYR A 36 -20.50 1.10 18.10
N VAL A 37 -20.65 -0.11 17.55
CA VAL A 37 -20.99 -1.28 18.33
C VAL A 37 -19.97 -2.38 18.01
N ASN A 38 -19.41 -3.00 19.04
CA ASN A 38 -18.54 -4.16 18.86
C ASN A 38 -19.12 -5.43 19.43
N GLU A 39 -20.09 -5.30 20.33
CA GLU A 39 -20.78 -6.45 20.89
C GLU A 39 -22.28 -6.26 20.77
N GLY A 40 -22.90 -6.98 19.83
CA GLY A 40 -24.31 -6.79 19.56
C GLY A 40 -25.18 -7.47 20.59
N ASP A 41 -26.34 -6.88 20.85
CA ASP A 41 -27.22 -7.43 21.88
C ASP A 41 -28.21 -8.45 21.34
N GLY A 42 -28.21 -8.64 20.02
CA GLY A 42 -29.13 -9.59 19.42
C GLY A 42 -30.52 -9.01 19.14
N LYS A 43 -30.67 -7.70 19.33
CA LYS A 43 -31.97 -7.05 19.17
C LYS A 43 -32.03 -6.14 17.96
N ALA A 44 -30.90 -5.90 17.31
CA ALA A 44 -30.91 -5.11 16.08
C ALA A 44 -31.77 -5.79 15.02
N SER A 45 -32.56 -5.00 14.31
CA SER A 45 -33.34 -5.53 13.21
C SER A 45 -32.42 -6.04 12.10
N THR A 46 -32.74 -7.19 11.53
CA THR A 46 -31.92 -7.75 10.46
C THR A 46 -31.89 -6.82 9.24
N ALA A 47 -32.87 -5.93 9.18
CA ALA A 47 -32.99 -5.06 8.03
C ALA A 47 -31.81 -4.12 7.87
N ILE A 48 -31.14 -3.78 8.97
CA ILE A 48 -30.07 -2.77 8.88
C ILE A 48 -28.80 -3.32 8.26
N PHE A 49 -28.68 -4.64 8.19
CA PHE A 49 -27.52 -5.22 7.53
C PHE A 49 -27.61 -4.99 6.02
N ASN A 50 -26.73 -4.15 5.48
CA ASN A 50 -26.88 -3.71 4.10
C ASN A 50 -25.60 -3.15 3.46
N PRO A 51 -24.62 -4.02 3.21
CA PRO A 51 -23.40 -3.53 2.55
C PRO A 51 -23.69 -3.04 1.13
N THR A 52 -23.35 -1.78 0.87
CA THR A 52 -23.71 -1.14 -0.39
C THR A 52 -23.08 -1.83 -1.61
N ALA A 53 -21.91 -2.42 -1.44
CA ALA A 53 -21.27 -3.09 -2.56
C ALA A 53 -20.22 -4.10 -2.07
N LEU A 54 -20.69 -5.20 -1.51
CA LEU A 54 -19.80 -6.22 -0.95
C LEU A 54 -18.80 -6.71 -1.99
N ASP A 55 -17.52 -6.80 -1.62
CA ASP A 55 -16.51 -7.31 -2.54
C ASP A 55 -15.41 -8.14 -1.87
N CYS A 56 -15.70 -9.42 -1.64
CA CYS A 56 -14.76 -10.30 -0.98
C CYS A 56 -13.48 -10.50 -1.78
N ARG A 57 -13.57 -10.32 -3.09
CA ARG A 57 -12.38 -10.40 -3.94
C ARG A 57 -11.41 -9.29 -3.55
N GLN A 58 -11.94 -8.13 -3.18
CA GLN A 58 -11.08 -7.05 -2.73
C GLN A 58 -10.38 -7.41 -1.40
N TRP A 59 -11.07 -8.15 -0.54
CA TRP A 59 -10.46 -8.70 0.68
C TRP A 59 -9.30 -9.64 0.34
N MET A 60 -9.49 -10.53 -0.63
CA MET A 60 -8.44 -11.46 -1.01
C MET A 60 -7.22 -10.73 -1.58
N GLN A 61 -7.48 -9.68 -2.36
CA GLN A 61 -6.36 -8.96 -2.93
C GLN A 61 -5.54 -8.34 -1.81
N THR A 62 -6.20 -7.91 -0.74
CA THR A 62 -5.50 -7.36 0.42
C THR A 62 -4.60 -8.44 1.02
N LEU A 63 -5.15 -9.63 1.17
CA LEU A 63 -4.39 -10.73 1.75
C LEU A 63 -3.19 -11.09 0.88
N LYS A 64 -3.41 -11.12 -0.44
CA LYS A 64 -2.31 -11.36 -1.38
C LYS A 64 -1.24 -10.33 -1.17
N ALA A 65 -1.62 -9.06 -1.12
CA ALA A 65 -0.65 -7.99 -0.93
C ALA A 65 0.06 -8.11 0.42
N ALA A 66 -0.63 -8.68 1.40
CA ALA A 66 -0.03 -8.77 2.72
C ALA A 66 0.76 -10.07 2.93
N GLY A 67 0.65 -10.98 1.96
CA GLY A 67 1.33 -12.26 2.02
C GLY A 67 0.65 -13.23 2.97
N ILE A 68 -0.67 -13.05 3.18
CA ILE A 68 -1.44 -13.84 4.12
C ILE A 68 -2.23 -14.98 3.43
N PRO A 69 -1.91 -16.24 3.76
CA PRO A 69 -2.46 -17.37 3.00
C PRO A 69 -3.80 -17.91 3.50
N ALA A 70 -4.32 -17.39 4.61
CA ALA A 70 -5.56 -17.92 5.18
C ALA A 70 -6.44 -16.84 5.77
N ALA A 71 -7.77 -17.07 5.76
CA ALA A 71 -8.73 -16.12 6.32
C ALA A 71 -9.87 -16.79 7.08
N ILE A 72 -10.24 -16.18 8.20
CA ILE A 72 -11.39 -16.62 8.99
C ILE A 72 -12.45 -15.53 9.02
N LEU A 73 -13.68 -15.89 8.68
CA LEU A 73 -14.80 -14.94 8.70
C LEU A 73 -15.73 -15.19 9.86
N THR A 74 -16.18 -14.13 10.52
CA THR A 74 -17.22 -14.24 11.53
C THR A 74 -18.56 -14.53 10.87
N ALA A 75 -18.85 -15.81 10.64
CA ALA A 75 -20.15 -16.23 10.13
C ALA A 75 -21.28 -15.89 11.08
N LYS A 76 -20.95 -15.77 12.37
CA LYS A 76 -21.91 -15.38 13.40
C LYS A 76 -21.15 -14.96 14.64
N HIS A 77 -21.42 -13.76 15.13
CA HIS A 77 -20.84 -13.28 16.38
C HIS A 77 -21.86 -13.49 17.50
N ALA A 78 -21.57 -13.02 18.69
CA ALA A 78 -22.46 -13.23 19.83
C ALA A 78 -23.85 -12.59 19.64
N ASP A 79 -23.95 -11.64 18.72
CA ASP A 79 -25.22 -10.99 18.46
C ASP A 79 -26.19 -11.98 17.83
N GLY A 80 -25.64 -13.02 17.20
CA GLY A 80 -26.41 -14.13 16.68
C GLY A 80 -26.87 -14.01 15.23
N PHE A 81 -26.56 -12.88 14.59
CA PHE A 81 -26.90 -12.65 13.20
C PHE A 81 -26.03 -13.51 12.27
N CYS A 82 -26.66 -14.31 11.42
CA CYS A 82 -25.94 -15.23 10.54
C CYS A 82 -25.73 -14.65 9.14
N LEU A 83 -24.50 -14.80 8.63
CA LEU A 83 -24.14 -14.24 7.33
C LEU A 83 -24.42 -15.19 6.16
N TRP A 84 -25.07 -16.32 6.45
CA TRP A 84 -25.49 -17.23 5.38
C TRP A 84 -26.95 -17.56 5.61
N PRO A 85 -27.71 -17.85 4.54
CA PRO A 85 -29.15 -18.10 4.69
C PRO A 85 -29.43 -19.48 5.30
N SER A 86 -29.16 -19.62 6.59
CA SER A 86 -29.35 -20.87 7.29
C SER A 86 -30.81 -21.29 7.31
N LYS A 87 -31.04 -22.59 7.20
CA LYS A 87 -32.40 -23.14 7.22
C LYS A 87 -32.97 -23.15 8.62
N TYR A 88 -32.17 -22.76 9.61
CA TYR A 88 -32.57 -22.97 11.00
C TYR A 88 -32.86 -21.71 11.79
N THR A 89 -32.82 -20.56 11.14
CA THR A 89 -33.13 -19.31 11.83
C THR A 89 -33.61 -18.28 10.82
N ASP A 90 -34.19 -17.21 11.34
CA ASP A 90 -34.55 -16.08 10.50
C ASP A 90 -33.60 -14.92 10.79
N TYR A 91 -32.87 -15.00 11.90
CA TYR A 91 -32.00 -13.89 12.25
C TYR A 91 -30.74 -13.97 11.39
N SER A 92 -30.92 -13.72 10.09
CA SER A 92 -29.86 -13.91 9.13
C SER A 92 -30.00 -12.99 7.93
N VAL A 93 -29.10 -13.15 6.97
CA VAL A 93 -29.13 -12.42 5.72
C VAL A 93 -30.44 -12.65 4.90
N LYS A 94 -31.16 -13.74 5.19
CA LYS A 94 -32.50 -14.01 4.62
C LYS A 94 -33.43 -12.81 4.75
N ASN A 95 -33.28 -12.07 5.84
CA ASN A 95 -34.16 -10.97 6.14
C ASN A 95 -33.44 -9.63 6.30
N ALA A 96 -32.33 -9.49 5.57
CA ALA A 96 -31.60 -8.24 5.50
C ALA A 96 -32.09 -7.42 4.33
N ALA A 97 -31.92 -6.10 4.41
CA ALA A 97 -32.12 -5.24 3.26
C ALA A 97 -31.21 -5.67 2.11
N TRP A 98 -29.97 -6.01 2.44
CA TRP A 98 -28.98 -6.53 1.49
C TRP A 98 -29.53 -7.53 0.48
N LYS A 99 -29.56 -7.10 -0.78
CA LYS A 99 -29.93 -7.94 -1.91
C LYS A 99 -31.35 -8.47 -1.82
N ASN A 100 -32.24 -7.74 -1.17
CA ASN A 100 -33.61 -8.18 -0.99
C ASN A 100 -33.71 -9.54 -0.28
N GLY A 101 -32.80 -9.77 0.66
CA GLY A 101 -32.78 -11.02 1.40
C GLY A 101 -32.25 -12.22 0.65
N LYS A 102 -31.67 -12.00 -0.53
CA LYS A 102 -31.22 -13.11 -1.36
C LYS A 102 -29.69 -13.33 -1.35
N GLY A 103 -28.98 -12.72 -0.41
CA GLY A 103 -27.53 -12.82 -0.39
C GLY A 103 -26.96 -13.94 0.45
N ASP A 104 -25.65 -14.12 0.35
CA ASP A 104 -24.93 -15.12 1.15
C ASP A 104 -23.49 -14.65 1.26
N VAL A 105 -23.15 -13.96 2.35
CA VAL A 105 -21.79 -13.47 2.57
C VAL A 105 -20.78 -14.63 2.63
N VAL A 106 -21.09 -15.66 3.42
CA VAL A 106 -20.21 -16.81 3.54
C VAL A 106 -19.89 -17.44 2.17
N ARG A 107 -20.87 -17.45 1.28
CA ARG A 107 -20.68 -18.04 -0.04
C ARG A 107 -19.70 -17.23 -0.84
N GLU A 108 -19.87 -15.91 -0.81
CA GLU A 108 -19.01 -15.01 -1.54
C GLU A 108 -17.61 -15.06 -0.96
N PHE A 109 -17.54 -15.15 0.36
CA PHE A 109 -16.27 -15.33 1.03
C PHE A 109 -15.49 -16.57 0.56
N VAL A 110 -16.07 -17.75 0.73
CA VAL A 110 -15.39 -18.99 0.34
C VAL A 110 -15.16 -19.06 -1.16
N ASP A 111 -16.02 -18.42 -1.95
CA ASP A 111 -15.81 -18.38 -3.39
C ASP A 111 -14.60 -17.52 -3.72
N ALA A 112 -14.50 -16.37 -3.09
CA ALA A 112 -13.32 -15.53 -3.26
C ALA A 112 -12.06 -16.24 -2.77
N CYS A 113 -12.16 -16.97 -1.67
CA CYS A 113 -10.99 -17.68 -1.16
C CYS A 113 -10.50 -18.69 -2.18
N GLU A 114 -11.43 -19.48 -2.71
CA GLU A 114 -11.06 -20.49 -3.70
C GLU A 114 -10.43 -19.86 -4.90
N GLU A 115 -11.01 -18.76 -5.37
CA GLU A 115 -10.50 -18.07 -6.56
C GLU A 115 -9.06 -17.62 -6.39
N TYR A 116 -8.72 -17.08 -5.23
CA TYR A 116 -7.37 -16.60 -4.98
C TYR A 116 -6.45 -17.61 -4.31
N GLY A 117 -6.88 -18.86 -4.22
CA GLY A 117 -6.07 -19.90 -3.60
C GLY A 117 -5.80 -19.76 -2.11
N LEU A 118 -6.73 -19.18 -1.36
CA LEU A 118 -6.51 -18.95 0.07
C LEU A 118 -7.32 -19.94 0.92
N LYS A 119 -6.86 -20.20 2.14
CA LYS A 119 -7.56 -21.14 2.98
C LYS A 119 -8.67 -20.47 3.77
N ALA A 120 -9.89 -20.97 3.61
CA ALA A 120 -11.05 -20.42 4.29
C ALA A 120 -11.28 -21.06 5.67
N GLY A 121 -11.66 -20.23 6.63
CA GLY A 121 -11.98 -20.69 7.97
C GLY A 121 -13.22 -19.98 8.48
N ILE A 122 -13.85 -20.56 9.49
CA ILE A 122 -15.11 -20.07 9.98
C ILE A 122 -15.09 -19.80 11.49
N TYR A 123 -15.57 -18.63 11.88
CA TYR A 123 -15.81 -18.28 13.28
C TYR A 123 -17.32 -18.35 13.49
N LEU A 124 -17.76 -19.32 14.28
CA LEU A 124 -19.19 -19.53 14.57
C LEU A 124 -19.44 -19.37 16.07
N GLY A 125 -19.90 -18.20 16.47
CA GLY A 125 -20.08 -17.87 17.89
C GLY A 125 -20.81 -18.89 18.74
N PRO A 126 -20.11 -19.49 19.71
CA PRO A 126 -20.75 -20.43 20.65
C PRO A 126 -21.81 -19.75 21.52
N HIS A 127 -21.44 -18.68 22.21
CA HIS A 127 -22.41 -17.87 22.94
C HIS A 127 -23.23 -17.08 21.94
N ASP A 128 -24.54 -17.19 22.07
CA ASP A 128 -25.48 -16.56 21.15
C ASP A 128 -26.52 -15.76 21.92
N ARG A 129 -26.32 -14.45 21.99
CA ARG A 129 -27.21 -13.59 22.76
C ARG A 129 -28.62 -13.64 22.17
N HIS A 130 -28.70 -13.78 20.85
CA HIS A 130 -30.01 -13.79 20.21
C HIS A 130 -30.85 -14.99 20.67
N GLU A 131 -30.27 -16.18 20.57
CA GLU A 131 -30.97 -17.41 20.95
C GLU A 131 -31.38 -17.37 22.42
N HIS A 132 -30.51 -16.80 23.25
CA HIS A 132 -30.81 -16.60 24.67
C HIS A 132 -32.07 -15.77 24.90
N LEU A 133 -32.45 -14.94 23.93
CA LEU A 133 -33.67 -14.16 24.07
C LEU A 133 -34.95 -14.99 23.92
N SER A 134 -34.84 -16.22 23.44
CA SER A 134 -36.03 -17.03 23.25
C SER A 134 -36.50 -17.62 24.55
N PRO A 135 -37.80 -17.42 24.88
CA PRO A 135 -38.38 -17.99 26.11
C PRO A 135 -38.25 -19.53 26.18
N LEU A 136 -37.98 -20.15 25.04
CA LEU A 136 -37.80 -21.60 24.94
C LEU A 136 -36.34 -22.04 24.96
N TYR A 137 -35.43 -21.10 25.23
CA TYR A 137 -34.01 -21.42 25.25
C TYR A 137 -33.62 -22.47 26.30
N THR A 138 -32.99 -23.55 25.86
CA THR A 138 -32.23 -24.40 26.78
C THR A 138 -30.85 -24.70 26.17
N THR A 139 -29.89 -25.05 27.01
CA THR A 139 -28.56 -25.39 26.54
C THR A 139 -28.63 -26.58 25.58
N GLU A 140 -29.52 -27.51 25.91
CA GLU A 140 -29.69 -28.72 25.13
C GLU A 140 -30.34 -28.43 23.78
N ARG A 141 -31.31 -27.52 23.75
CA ARG A 141 -31.89 -27.12 22.47
C ARG A 141 -30.84 -26.36 21.68
N TYR A 142 -30.18 -25.39 22.32
CA TYR A 142 -29.13 -24.62 21.67
C TYR A 142 -28.04 -25.49 21.07
N LYS A 143 -27.68 -26.56 21.78
CA LYS A 143 -26.68 -27.50 21.30
C LYS A 143 -27.05 -28.06 19.95
N GLU A 144 -28.34 -28.36 19.76
CA GLU A 144 -28.79 -28.91 18.48
C GLU A 144 -28.90 -27.84 17.40
N TYR A 145 -29.36 -26.64 17.78
CA TYR A 145 -29.41 -25.52 16.86
C TYR A 145 -28.04 -25.26 16.26
N TYR A 146 -27.03 -25.15 17.13
CA TYR A 146 -25.67 -24.86 16.70
C TYR A 146 -25.15 -26.00 15.84
N ALA A 147 -25.50 -27.22 16.22
CA ALA A 147 -25.07 -28.39 15.48
C ALA A 147 -25.61 -28.37 14.05
N HIS A 148 -26.85 -27.93 13.90
CA HIS A 148 -27.47 -27.78 12.57
C HIS A 148 -26.74 -26.76 11.73
N GLN A 149 -26.41 -25.63 12.33
CA GLN A 149 -25.72 -24.58 11.61
C GLN A 149 -24.32 -25.05 11.26
N LEU A 150 -23.68 -25.70 12.24
CA LEU A 150 -22.33 -26.21 12.06
C LEU A 150 -22.26 -27.16 10.89
N GLY A 151 -23.28 -28.00 10.76
CA GLY A 151 -23.34 -28.97 9.69
C GLY A 151 -23.55 -28.34 8.33
N GLU A 152 -24.24 -27.21 8.30
CA GLU A 152 -24.42 -26.47 7.05
C GLU A 152 -23.07 -25.94 6.57
N LEU A 153 -22.38 -25.25 7.48
CA LEU A 153 -21.11 -24.59 7.17
C LEU A 153 -19.98 -25.58 6.89
N MET A 154 -20.07 -26.78 7.47
CA MET A 154 -19.03 -27.78 7.23
C MET A 154 -19.34 -28.65 6.02
N SER A 155 -20.49 -28.42 5.38
CA SER A 155 -20.93 -29.31 4.30
C SER A 155 -21.15 -28.63 2.96
N ASP A 156 -21.54 -27.36 2.95
CA ASP A 156 -21.98 -26.74 1.70
C ASP A 156 -21.03 -25.63 1.18
N TYR A 157 -19.94 -25.41 1.89
CA TYR A 157 -19.12 -24.24 1.64
C TYR A 157 -17.67 -24.58 1.36
N GLY A 158 -17.44 -25.80 0.89
CA GLY A 158 -16.12 -26.23 0.49
C GLY A 158 -15.25 -26.65 1.65
N LYS A 159 -13.95 -26.74 1.40
CA LYS A 159 -13.01 -27.17 2.41
C LYS A 159 -12.78 -26.07 3.44
N ILE A 160 -12.97 -26.42 4.71
CA ILE A 160 -12.83 -25.49 5.82
C ILE A 160 -11.54 -25.80 6.60
N TRP A 161 -10.64 -24.83 6.69
CA TRP A 161 -9.33 -25.06 7.31
C TRP A 161 -9.23 -24.67 8.78
N GLU A 162 -10.19 -23.89 9.27
CA GLU A 162 -10.20 -23.56 10.69
C GLU A 162 -11.61 -23.24 11.20
N THR A 163 -11.91 -23.76 12.39
CA THR A 163 -13.14 -23.42 13.10
C THR A 163 -12.74 -22.75 14.41
N TRP A 164 -13.34 -21.60 14.69
CA TRP A 164 -12.95 -20.77 15.82
C TRP A 164 -14.06 -20.75 16.85
N TRP A 165 -13.71 -21.15 18.07
CA TRP A 165 -14.66 -21.14 19.18
C TRP A 165 -14.22 -20.13 20.24
N ASP A 166 -14.69 -18.90 20.07
CA ASP A 166 -14.55 -17.85 21.07
C ASP A 166 -15.13 -18.33 22.40
N GLY A 167 -14.46 -17.97 23.51
CA GLY A 167 -14.90 -18.42 24.81
C GLY A 167 -15.69 -17.40 25.60
N ALA A 168 -15.79 -16.18 25.07
CA ALA A 168 -16.58 -15.15 25.73
C ALA A 168 -18.05 -15.60 25.92
N GLY A 169 -18.53 -15.48 27.16
CA GLY A 169 -19.90 -15.82 27.49
C GLY A 169 -20.26 -17.29 27.25
N ALA A 170 -19.26 -18.14 27.03
CA ALA A 170 -19.48 -19.52 26.63
C ALA A 170 -19.43 -20.50 27.81
N ASP A 171 -19.30 -19.96 29.01
CA ASP A 171 -19.09 -20.79 30.20
C ASP A 171 -20.19 -21.80 30.51
N GLU A 172 -21.43 -21.50 30.13
CA GLU A 172 -22.52 -22.44 30.38
C GLU A 172 -22.49 -23.62 29.41
N LEU A 173 -21.56 -23.58 28.45
CA LEU A 173 -21.43 -24.67 27.50
C LEU A 173 -20.42 -25.68 28.03
N THR A 174 -20.84 -26.93 28.13
CA THR A 174 -20.07 -27.96 28.77
C THR A 174 -19.43 -28.88 27.72
N THR A 175 -18.47 -29.68 28.16
CA THR A 175 -17.70 -30.52 27.25
C THR A 175 -18.51 -31.46 26.36
N PRO A 176 -19.57 -32.10 26.91
CA PRO A 176 -20.28 -32.96 25.95
C PRO A 176 -20.94 -32.16 24.81
N VAL A 177 -21.33 -30.92 25.08
CA VAL A 177 -21.82 -30.03 24.02
C VAL A 177 -20.79 -29.91 22.89
N TYR A 178 -19.64 -29.34 23.21
CA TYR A 178 -18.53 -29.24 22.27
C TYR A 178 -18.16 -30.56 21.61
N ARG A 179 -18.34 -31.67 22.34
CA ARG A 179 -17.98 -32.98 21.81
C ARG A 179 -18.86 -33.30 20.63
N HIS A 180 -20.15 -33.03 20.80
CA HIS A 180 -21.08 -33.19 19.71
C HIS A 180 -20.71 -32.24 18.55
N TRP A 181 -20.32 -31.02 18.88
CA TRP A 181 -19.89 -30.09 17.85
C TRP A 181 -18.61 -30.59 17.17
N TYR A 182 -17.67 -31.08 17.98
CA TYR A 182 -16.39 -31.59 17.52
C TYR A 182 -16.51 -32.74 16.51
N LYS A 183 -17.47 -33.63 16.71
CA LYS A 183 -17.63 -34.79 15.84
C LYS A 183 -18.09 -34.37 14.45
N ILE A 184 -18.98 -33.38 14.39
CA ILE A 184 -19.42 -32.84 13.10
C ILE A 184 -18.25 -32.27 12.32
N VAL A 185 -17.48 -31.39 12.97
CA VAL A 185 -16.32 -30.78 12.33
C VAL A 185 -15.33 -31.83 11.86
N ARG A 186 -14.89 -32.66 12.79
CA ARG A 186 -13.84 -33.65 12.54
C ARG A 186 -14.23 -34.63 11.44
N GLU A 187 -15.50 -35.03 11.44
CA GLU A 187 -15.97 -35.97 10.43
C GLU A 187 -16.07 -35.33 9.05
N LYS A 188 -16.62 -34.13 9.00
CA LYS A 188 -16.88 -33.46 7.73
C LYS A 188 -15.67 -32.72 7.19
N GLN A 189 -14.73 -32.38 8.07
CA GLN A 189 -13.55 -31.62 7.67
C GLN A 189 -12.33 -32.10 8.47
N PRO A 190 -11.69 -33.19 8.01
CA PRO A 190 -10.56 -33.79 8.74
C PRO A 190 -9.34 -32.86 8.91
N ASP A 191 -9.05 -32.03 7.92
CA ASP A 191 -7.91 -31.11 8.00
C ASP A 191 -8.18 -29.81 8.76
N CYS A 192 -9.39 -29.64 9.29
CA CYS A 192 -9.78 -28.36 9.89
C CYS A 192 -9.20 -28.16 11.28
N VAL A 193 -8.43 -27.08 11.45
CA VAL A 193 -7.91 -26.77 12.77
C VAL A 193 -8.98 -26.14 13.64
N ILE A 194 -9.09 -26.59 14.89
CA ILE A 194 -10.05 -26.01 15.84
C ILE A 194 -9.40 -25.12 16.89
N PHE A 195 -9.71 -23.83 16.85
CA PHE A 195 -9.33 -22.95 17.94
C PHE A 195 -10.29 -23.16 19.09
N GLY A 196 -9.80 -23.74 20.18
CA GLY A 196 -10.66 -24.09 21.30
C GLY A 196 -10.40 -23.31 22.57
N THR A 197 -11.48 -22.87 23.21
CA THR A 197 -11.40 -22.23 24.51
C THR A 197 -12.28 -22.93 25.56
N LYS A 198 -11.87 -22.80 26.82
CA LYS A 198 -12.63 -23.29 27.96
C LYS A 198 -13.04 -24.78 27.87
N ASN A 199 -14.34 -25.07 28.00
CA ASN A 199 -14.80 -26.46 28.11
C ASN A 199 -14.70 -27.26 26.82
N SER A 200 -14.12 -26.63 25.79
CA SER A 200 -13.82 -27.27 24.53
C SER A 200 -12.41 -27.83 24.59
N TYR A 201 -11.75 -27.63 25.73
CA TYR A 201 -10.34 -28.04 25.90
C TYR A 201 -9.93 -29.43 25.39
N PRO A 202 -10.80 -30.46 25.50
CA PRO A 202 -10.24 -31.70 24.97
C PRO A 202 -10.25 -31.79 23.46
N PHE A 203 -10.74 -30.75 22.79
CA PHE A 203 -10.87 -30.82 21.33
C PHE A 203 -10.06 -29.76 20.57
N ALA A 204 -9.38 -28.89 21.31
CA ALA A 204 -8.64 -27.79 20.70
C ALA A 204 -7.43 -28.27 19.93
N ASP A 205 -7.30 -27.84 18.67
CA ASP A 205 -6.02 -28.03 17.97
C ASP A 205 -5.04 -26.91 18.32
N VAL A 206 -5.56 -25.73 18.59
CA VAL A 206 -4.72 -24.60 19.00
C VAL A 206 -5.41 -23.86 20.14
N ARG A 207 -4.64 -23.19 20.98
CA ARG A 207 -5.17 -22.51 22.15
C ARG A 207 -5.08 -21.00 22.03
N TRP A 208 -5.87 -20.29 22.82
CA TRP A 208 -5.66 -18.87 23.00
C TRP A 208 -4.40 -18.66 23.83
N MET A 209 -3.89 -17.43 23.85
CA MET A 209 -2.69 -17.11 24.62
C MET A 209 -2.86 -15.96 25.61
N GLY A 210 -4.11 -15.66 25.98
CA GLY A 210 -4.36 -14.84 27.14
C GLY A 210 -4.54 -13.34 27.01
N ASN A 211 -4.21 -12.79 25.84
CA ASN A 211 -4.48 -11.38 25.62
C ASN A 211 -4.79 -11.09 24.16
N GLU A 212 -5.17 -9.85 23.89
CA GLU A 212 -5.52 -9.46 22.54
C GLU A 212 -4.66 -8.29 22.13
N ALA A 213 -3.41 -8.32 22.57
CA ALA A 213 -2.48 -7.23 22.30
C ALA A 213 -1.38 -7.68 21.35
N GLY A 214 -1.46 -8.93 20.93
CA GLY A 214 -0.50 -9.45 19.97
C GLY A 214 0.81 -9.91 20.59
N GLU A 215 0.81 -10.28 21.87
CA GLU A 215 2.02 -10.81 22.49
C GLU A 215 1.86 -12.18 23.11
N ALA A 216 2.36 -13.20 22.43
CA ALA A 216 2.54 -14.51 23.04
C ALA A 216 3.65 -14.39 24.10
N GLY A 217 3.89 -15.43 24.87
CA GLY A 217 4.87 -15.31 25.93
C GLY A 217 6.33 -15.44 25.51
N ASP A 218 7.21 -15.00 26.39
CA ASP A 218 8.62 -15.29 26.26
C ASP A 218 9.06 -16.02 27.52
N PRO A 219 9.20 -17.35 27.46
CA PRO A 219 9.03 -18.19 26.28
C PRO A 219 7.57 -18.48 25.98
N CYS A 220 7.34 -19.17 24.87
CA CYS A 220 6.02 -19.67 24.53
C CYS A 220 6.14 -21.12 24.02
N TRP A 221 5.80 -22.05 24.90
CA TRP A 221 5.83 -23.47 24.60
C TRP A 221 4.60 -23.85 23.79
N ALA A 222 4.77 -24.72 22.80
CA ALA A 222 3.64 -25.29 22.07
C ALA A 222 2.76 -26.14 23.01
N THR A 223 3.39 -26.64 24.07
CA THR A 223 2.73 -27.52 25.00
C THR A 223 2.22 -26.76 26.20
N THR A 224 1.16 -27.28 26.80
CA THR A 224 0.63 -26.78 28.07
C THR A 224 -0.33 -27.81 28.63
N ASP A 225 -0.81 -27.58 29.85
CA ASP A 225 -1.80 -28.47 30.45
C ASP A 225 -3.19 -28.09 29.96
N SER A 226 -3.95 -29.08 29.50
CA SER A 226 -5.32 -28.87 29.03
C SER A 226 -6.19 -28.12 30.03
N VAL A 227 -5.91 -28.26 31.31
CA VAL A 227 -6.66 -27.53 32.31
C VAL A 227 -6.48 -26.01 32.15
N ALA A 228 -5.34 -25.59 31.63
CA ALA A 228 -5.08 -24.17 31.43
C ALA A 228 -6.15 -23.55 30.55
N ILE A 229 -6.46 -24.26 29.47
CA ILE A 229 -7.47 -23.84 28.52
C ILE A 229 -8.86 -23.74 29.16
N ARG A 230 -9.26 -24.82 29.84
CA ARG A 230 -10.52 -24.86 30.56
C ARG A 230 -10.66 -23.77 31.61
N ASP A 231 -9.63 -23.57 32.43
CA ASP A 231 -9.72 -22.63 33.53
C ASP A 231 -8.99 -21.33 33.19
N GLU A 232 -9.04 -21.05 31.89
CA GLU A 232 -8.54 -19.82 31.25
C GLU A 232 -8.27 -18.62 32.16
N ALA A 233 -9.29 -18.21 32.90
CA ALA A 233 -9.21 -16.98 33.69
C ALA A 233 -8.21 -17.01 34.86
N GLN A 234 -7.73 -18.19 35.22
CA GLN A 234 -6.79 -18.26 36.34
C GLN A 234 -5.46 -18.91 35.91
N TYR A 235 -5.23 -19.00 34.61
CA TYR A 235 -4.01 -19.59 34.07
C TYR A 235 -3.40 -18.76 32.93
N TYR A 236 -3.18 -17.48 33.17
CA TYR A 236 -2.66 -16.59 32.15
C TYR A 236 -1.29 -17.01 31.63
N LYS A 237 -0.35 -17.28 32.53
CA LYS A 237 0.99 -17.71 32.11
C LYS A 237 0.91 -19.08 31.41
N GLY A 238 -0.05 -19.89 31.83
CA GLY A 238 -0.21 -21.22 31.28
C GLY A 238 -0.74 -21.16 29.86
N LEU A 239 -1.45 -20.09 29.55
CA LEU A 239 -1.91 -19.91 28.18
C LEU A 239 -0.87 -19.14 27.39
N ASN A 240 -0.40 -18.04 27.99
CA ASN A 240 0.53 -17.14 27.33
C ASN A 240 1.90 -17.76 27.10
N GLU A 241 2.47 -18.37 28.14
CA GLU A 241 3.79 -18.97 28.04
C GLU A 241 3.70 -20.44 27.76
N GLY A 242 2.63 -21.07 28.24
CA GLY A 242 2.50 -22.51 28.13
C GLY A 242 3.35 -23.19 29.19
N MET A 243 3.56 -24.49 29.02
CA MET A 243 4.35 -25.24 29.99
C MET A 243 5.22 -26.26 29.28
N LEU A 244 6.50 -26.26 29.61
CA LEU A 244 7.42 -27.22 29.01
C LEU A 244 7.00 -28.65 29.34
N ASP A 245 6.47 -28.85 30.54
CA ASP A 245 5.97 -30.18 30.91
C ASP A 245 4.46 -30.32 30.79
N GLY A 246 3.82 -29.50 29.96
CA GLY A 246 2.38 -29.56 29.78
C GLY A 246 1.86 -30.88 29.26
N ASP A 247 0.66 -31.28 29.70
CA ASP A 247 0.11 -32.57 29.34
C ASP A 247 -0.36 -32.69 27.88
N ALA A 248 -0.45 -31.57 27.17
CA ALA A 248 -0.96 -31.59 25.80
C ALA A 248 -0.15 -30.73 24.84
N TYR A 249 -0.18 -31.11 23.56
CA TYR A 249 0.41 -30.30 22.50
C TYR A 249 -0.68 -29.43 21.85
N ILE A 250 -0.79 -28.18 22.28
CA ILE A 250 -1.83 -27.28 21.81
C ILE A 250 -1.26 -25.86 21.66
N PRO A 251 -0.64 -25.57 20.49
CA PRO A 251 0.15 -24.34 20.35
C PRO A 251 -0.72 -23.07 20.32
N ALA A 252 -0.12 -21.98 20.77
CA ALA A 252 -0.84 -20.71 20.92
C ALA A 252 -1.03 -19.96 19.60
N GLU A 253 -2.27 -19.48 19.40
CA GLU A 253 -2.62 -18.66 18.25
C GLU A 253 -2.90 -17.25 18.72
N THR A 254 -2.11 -16.29 18.26
CA THR A 254 -2.19 -14.91 18.74
C THR A 254 -3.12 -14.04 17.90
N ASP A 255 -4.14 -13.47 18.53
CA ASP A 255 -5.16 -12.72 17.81
C ASP A 255 -5.13 -11.24 18.16
N VAL A 256 -5.15 -10.38 17.16
CA VAL A 256 -5.10 -8.95 17.42
C VAL A 256 -5.81 -8.22 16.27
N SER A 257 -6.39 -7.06 16.57
CA SER A 257 -6.97 -6.26 15.49
C SER A 257 -6.03 -5.17 15.03
N ILE A 258 -6.07 -4.90 13.72
CA ILE A 258 -5.24 -3.86 13.13
C ILE A 258 -5.79 -2.50 13.57
N ARG A 259 -6.97 -2.55 14.19
CA ARG A 259 -7.62 -1.36 14.72
C ARG A 259 -7.83 -1.53 16.23
N PRO A 260 -8.20 -0.43 16.92
CA PRO A 260 -8.56 -0.56 18.33
C PRO A 260 -9.75 -1.51 18.53
N SER A 261 -10.76 -1.42 17.66
CA SER A 261 -11.93 -2.29 17.77
C SER A 261 -11.78 -3.49 16.85
N TRP A 262 -12.60 -4.52 17.10
CA TRP A 262 -12.64 -5.68 16.22
C TRP A 262 -13.54 -5.41 15.01
N PHE A 263 -14.62 -4.67 15.20
CA PHE A 263 -15.52 -4.32 14.09
C PHE A 263 -15.16 -2.96 13.49
N TYR A 264 -15.62 -2.69 12.28
CA TYR A 264 -15.30 -1.43 11.60
C TYR A 264 -16.01 -0.19 12.16
N HIS A 265 -15.25 0.88 12.38
CA HIS A 265 -15.79 2.18 12.76
C HIS A 265 -14.94 3.27 12.11
N ALA A 266 -15.57 4.16 11.34
CA ALA A 266 -14.86 5.19 10.59
C ALA A 266 -13.97 6.03 11.48
N GLU A 267 -14.44 6.29 12.68
CA GLU A 267 -13.69 7.02 13.69
C GLU A 267 -12.31 6.41 13.97
N GLU A 268 -12.12 5.13 13.70
CA GLU A 268 -10.82 4.49 13.94
C GLU A 268 -9.87 4.45 12.73
N ASP A 269 -10.32 5.01 11.59
CA ASP A 269 -9.47 5.10 10.40
C ASP A 269 -8.12 5.78 10.71
N SER A 270 -8.12 6.68 11.67
CA SER A 270 -6.90 7.35 12.10
C SER A 270 -6.18 6.61 13.24
N ARG A 271 -6.70 5.43 13.61
CA ARG A 271 -6.09 4.68 14.70
C ARG A 271 -5.60 3.30 14.25
N VAL A 272 -5.39 3.14 12.95
CA VAL A 272 -4.86 1.90 12.42
C VAL A 272 -3.41 1.78 12.86
N LYS A 273 -3.00 0.57 13.21
CA LYS A 273 -1.66 0.31 13.69
C LYS A 273 -0.59 0.62 12.65
N SER A 274 0.48 1.25 13.11
CA SER A 274 1.61 1.61 12.26
C SER A 274 2.30 0.35 11.75
N VAL A 275 3.00 0.49 10.65
CA VAL A 275 3.80 -0.61 10.10
C VAL A 275 4.77 -1.14 11.17
N ARG A 276 5.30 -0.25 12.00
CA ARG A 276 6.24 -0.65 13.04
C ARG A 276 5.56 -1.44 14.17
N GLU A 277 4.38 -0.98 14.59
CA GLU A 277 3.61 -1.73 15.57
C GLU A 277 3.33 -3.15 15.07
N LEU A 278 2.91 -3.25 13.80
CA LEU A 278 2.65 -4.55 13.20
C LEU A 278 3.91 -5.41 13.19
N TRP A 279 5.05 -4.77 13.02
CA TRP A 279 6.32 -5.50 12.97
C TRP A 279 6.69 -5.99 14.36
N ASP A 280 6.49 -5.13 15.37
CA ASP A 280 6.58 -5.57 16.75
C ASP A 280 5.68 -6.78 17.01
N ILE A 281 4.40 -6.63 16.68
CA ILE A 281 3.42 -7.69 16.88
C ILE A 281 3.83 -8.99 16.19
N TYR A 282 4.33 -8.88 14.96
CA TYR A 282 4.81 -10.04 14.22
C TYR A 282 5.93 -10.70 15.02
N CYS A 283 6.83 -9.88 15.56
CA CYS A 283 7.97 -10.41 16.31
C CYS A 283 7.55 -11.02 17.65
N THR A 284 6.45 -10.53 18.21
CA THR A 284 5.95 -11.07 19.46
C THR A 284 4.85 -12.09 19.25
N SER A 285 4.68 -12.56 18.01
CA SER A 285 3.71 -13.61 17.69
C SER A 285 4.30 -14.72 16.82
N VAL A 286 4.44 -14.46 15.53
CA VAL A 286 5.15 -15.38 14.65
C VAL A 286 6.58 -15.60 15.15
N GLY A 287 7.18 -14.54 15.69
CA GLY A 287 8.54 -14.57 16.20
C GLY A 287 8.67 -15.23 17.56
N ARG A 288 7.53 -15.61 18.13
CA ARG A 288 7.51 -16.26 19.44
C ARG A 288 6.77 -17.59 19.41
N ASN A 289 7.08 -18.41 18.40
CA ASN A 289 6.55 -19.76 18.33
C ASN A 289 5.01 -19.80 18.26
N SER A 290 4.41 -18.72 17.75
CA SER A 290 2.95 -18.68 17.61
C SER A 290 2.50 -18.49 16.16
N VAL A 291 1.21 -18.22 15.98
CA VAL A 291 0.70 -17.78 14.69
C VAL A 291 -0.12 -16.51 14.93
N LEU A 292 0.08 -15.53 14.06
CA LEU A 292 -0.62 -14.27 14.19
C LEU A 292 -1.94 -14.26 13.40
N LEU A 293 -3.05 -14.11 14.12
CA LEU A 293 -4.33 -13.91 13.49
C LEU A 293 -4.65 -12.42 13.52
N LEU A 294 -4.55 -11.76 12.37
CA LEU A 294 -4.69 -10.31 12.33
C LEU A 294 -6.04 -9.93 11.73
N ASN A 295 -6.81 -9.10 12.43
CA ASN A 295 -8.15 -8.72 11.98
C ASN A 295 -8.23 -7.48 11.09
N PHE A 296 -8.91 -7.63 9.95
CA PHE A 296 -9.18 -6.51 9.06
C PHE A 296 -10.69 -6.38 9.00
N PRO A 297 -11.27 -5.35 9.63
CA PRO A 297 -12.73 -5.27 9.62
C PRO A 297 -13.28 -4.60 8.37
N PRO A 298 -14.06 -5.33 7.55
CA PRO A 298 -14.68 -4.72 6.38
C PRO A 298 -15.70 -3.67 6.80
N ASP A 299 -16.02 -2.72 5.91
CA ASP A 299 -16.84 -1.57 6.27
C ASP A 299 -18.27 -1.64 5.71
N ARG A 300 -19.04 -0.58 5.89
CA ARG A 300 -20.43 -0.54 5.42
C ARG A 300 -20.58 -0.68 3.90
N ARG A 301 -19.53 -0.42 3.14
CA ARG A 301 -19.60 -0.71 1.71
C ARG A 301 -19.26 -2.18 1.45
N GLY A 302 -18.44 -2.78 2.33
CA GLY A 302 -18.04 -4.17 2.19
C GLY A 302 -16.62 -4.30 1.65
N LEU A 303 -15.80 -3.28 1.93
CA LEU A 303 -14.43 -3.22 1.46
C LEU A 303 -13.49 -3.16 2.64
N ILE A 304 -12.25 -3.59 2.42
CA ILE A 304 -11.20 -3.38 3.39
C ILE A 304 -10.59 -1.98 3.16
N HIS A 305 -10.56 -1.17 4.22
CA HIS A 305 -10.00 0.17 4.18
C HIS A 305 -8.54 0.14 3.72
N SER A 306 -8.13 1.17 2.98
CA SER A 306 -6.82 1.17 2.31
C SER A 306 -5.64 1.42 3.23
N THR A 307 -5.86 2.12 4.34
CA THR A 307 -4.81 2.29 5.32
C THR A 307 -4.44 0.91 5.88
N ASP A 308 -5.47 0.15 6.22
CA ASP A 308 -5.31 -1.21 6.69
C ASP A 308 -4.50 -2.00 5.67
N SER A 309 -4.93 -1.92 4.41
CA SER A 309 -4.21 -2.54 3.31
C SER A 309 -2.75 -2.12 3.26
N LEU A 310 -2.53 -0.82 3.19
CA LEU A 310 -1.21 -0.30 2.99
C LEU A 310 -0.26 -0.81 4.07
N HIS A 311 -0.70 -0.73 5.32
CA HIS A 311 0.18 -1.06 6.43
C HIS A 311 0.55 -2.54 6.42
N ALA A 312 -0.43 -3.40 6.18
CA ALA A 312 -0.17 -4.82 5.98
C ALA A 312 0.78 -5.05 4.80
N ALA A 313 0.53 -4.38 3.68
CA ALA A 313 1.35 -4.59 2.49
C ALA A 313 2.79 -4.14 2.74
N LEU A 314 2.95 -3.06 3.50
CA LEU A 314 4.26 -2.57 3.87
C LEU A 314 4.95 -3.51 4.85
N LEU A 315 4.19 -4.09 5.78
CA LEU A 315 4.78 -5.10 6.67
C LEU A 315 5.33 -6.26 5.85
N LYS A 316 4.53 -6.77 4.92
CA LYS A 316 4.95 -7.87 4.07
C LYS A 316 6.25 -7.52 3.35
N GLN A 317 6.29 -6.30 2.83
CA GLN A 317 7.43 -5.81 2.11
C GLN A 317 8.65 -5.70 3.03
N GLY A 318 8.42 -5.32 4.29
CA GLY A 318 9.52 -5.17 5.22
C GLY A 318 10.07 -6.52 5.66
N ILE A 319 9.16 -7.47 5.83
CA ILE A 319 9.53 -8.82 6.17
C ILE A 319 10.40 -9.38 5.04
N ASP A 320 9.92 -9.29 3.81
CA ASP A 320 10.64 -9.79 2.65
C ASP A 320 12.05 -9.20 2.51
N GLU A 321 12.17 -7.88 2.66
CA GLU A 321 13.49 -7.26 2.55
C GLU A 321 14.39 -7.74 3.66
N THR A 322 13.88 -7.68 4.90
CA THR A 322 14.62 -8.12 6.06
C THR A 322 15.21 -9.52 5.88
N PHE A 323 14.38 -10.49 5.52
CA PHE A 323 14.83 -11.88 5.53
C PHE A 323 15.27 -12.42 4.17
N SER A 324 15.46 -11.54 3.21
CA SER A 324 15.81 -11.98 1.86
C SER A 324 17.22 -12.51 1.79
N THR A 325 18.10 -11.97 2.61
CA THR A 325 19.49 -12.41 2.66
C THR A 325 19.92 -12.84 4.07
N ASN A 326 20.25 -14.13 4.24
CA ASN A 326 20.87 -14.59 5.48
C ASN A 326 22.35 -14.20 5.48
N LEU A 327 22.70 -13.20 6.28
CA LEU A 327 24.06 -12.68 6.31
C LEU A 327 25.12 -13.67 6.78
N LEU A 328 24.70 -14.83 7.25
CA LEU A 328 25.65 -15.85 7.67
C LEU A 328 26.08 -16.74 6.50
N ARG A 329 25.43 -16.61 5.35
CA ARG A 329 25.76 -17.52 4.26
C ARG A 329 27.17 -17.31 3.69
N GLY A 330 27.83 -18.41 3.34
CA GLY A 330 29.19 -18.37 2.85
C GLY A 330 30.19 -18.40 3.97
N ALA A 331 29.75 -18.81 5.15
CA ALA A 331 30.63 -18.82 6.29
C ALA A 331 31.33 -20.16 6.35
N LYS A 332 32.46 -20.19 7.03
CA LYS A 332 33.06 -21.45 7.43
C LYS A 332 32.37 -21.83 8.73
N VAL A 333 31.88 -23.06 8.80
CA VAL A 333 31.13 -23.50 9.98
C VAL A 333 31.78 -24.65 10.72
N LYS A 334 32.12 -24.42 11.99
CA LYS A 334 32.66 -25.46 12.85
C LYS A 334 31.75 -25.61 14.06
N ALA A 335 31.45 -26.86 14.43
CA ALA A 335 30.55 -27.13 15.54
C ALA A 335 30.96 -28.35 16.35
N THR A 336 30.74 -28.27 17.66
CA THR A 336 30.80 -29.43 18.55
C THR A 336 29.45 -30.16 18.51
N ASN A 337 29.44 -31.44 18.84
CA ASN A 337 28.21 -32.23 18.88
C ASN A 337 27.47 -32.31 17.54
N VAL A 338 28.04 -33.03 16.58
CA VAL A 338 27.44 -33.13 15.25
C VAL A 338 27.09 -34.57 14.92
N ARG A 339 25.85 -34.80 14.55
CA ARG A 339 25.36 -36.17 14.35
C ARG A 339 26.00 -36.86 13.15
N GLY A 340 26.33 -36.10 12.11
CA GLY A 340 26.88 -36.69 10.91
C GLY A 340 26.75 -35.71 9.77
N ALA A 341 27.30 -36.06 8.61
CA ALA A 341 27.35 -35.14 7.46
C ALA A 341 25.95 -34.77 6.99
N LYS A 342 25.05 -35.73 7.08
CA LYS A 342 23.63 -35.55 6.85
C LYS A 342 23.12 -34.37 7.66
N TYR A 343 23.54 -34.28 8.92
CA TYR A 343 23.02 -33.26 9.82
C TYR A 343 24.02 -32.16 10.16
N SER A 344 24.90 -31.80 9.22
CA SER A 344 25.95 -30.81 9.50
C SER A 344 25.37 -29.44 9.86
N PRO A 345 26.13 -28.62 10.60
CA PRO A 345 25.61 -27.31 11.00
C PRO A 345 25.34 -26.40 9.80
N GLU A 346 26.01 -26.66 8.68
CA GLU A 346 25.78 -25.91 7.46
C GLU A 346 24.31 -26.00 7.03
N LYS A 347 23.67 -27.12 7.36
CA LYS A 347 22.26 -27.35 7.04
C LYS A 347 21.34 -26.25 7.56
N MET A 348 21.79 -25.55 8.61
CA MET A 348 21.06 -24.39 9.10
C MET A 348 21.02 -23.23 8.10
N LEU A 349 21.91 -23.25 7.12
CA LEU A 349 22.10 -22.10 6.22
C LEU A 349 21.67 -22.38 4.78
N ASP A 350 21.28 -23.60 4.46
CA ASP A 350 21.04 -23.94 3.06
C ASP A 350 19.71 -23.50 2.44
N ASN A 351 18.86 -22.83 3.21
CA ASN A 351 17.51 -22.47 2.78
C ASN A 351 16.71 -23.62 2.15
N GLU A 352 16.91 -24.83 2.66
CA GLU A 352 16.16 -26.00 2.20
C GLU A 352 15.15 -26.42 3.26
N LYS A 353 14.04 -26.98 2.82
CA LYS A 353 12.97 -27.33 3.75
C LYS A 353 13.32 -28.55 4.61
N ASN A 354 13.86 -29.60 3.99
CA ASN A 354 13.99 -30.91 4.61
C ASN A 354 15.28 -31.17 5.41
N THR A 355 16.22 -30.25 5.36
CA THR A 355 17.48 -30.45 6.05
C THR A 355 17.50 -29.76 7.40
N TYR A 356 18.43 -30.19 8.25
CA TYR A 356 18.64 -29.55 9.55
C TYR A 356 19.91 -30.05 10.20
N PHE A 357 20.44 -29.22 11.09
CA PHE A 357 21.52 -29.64 11.98
C PHE A 357 20.96 -30.45 13.14
N ALA A 358 21.64 -31.53 13.49
CA ALA A 358 21.23 -32.34 14.64
C ALA A 358 22.42 -32.64 15.53
N GLY A 359 22.15 -32.73 16.83
CA GLY A 359 23.14 -33.20 17.77
C GLY A 359 23.14 -34.73 17.85
N LYS A 360 23.98 -35.26 18.74
CA LYS A 360 24.05 -36.70 18.98
C LYS A 360 23.16 -37.09 20.15
N ASP A 361 22.63 -38.32 20.10
CA ASP A 361 21.80 -38.81 21.20
C ASP A 361 22.48 -38.60 22.55
N GLY A 362 21.71 -38.09 23.51
CA GLY A 362 22.17 -37.89 24.87
C GLY A 362 22.88 -36.58 25.08
N GLU A 363 23.34 -35.98 24.00
CA GLU A 363 24.09 -34.74 24.14
C GLU A 363 23.18 -33.55 23.80
N VAL A 364 22.86 -32.72 24.80
CA VAL A 364 21.89 -31.66 24.55
C VAL A 364 22.55 -30.29 24.37
N LYS A 365 23.85 -30.25 24.58
CA LYS A 365 24.60 -29.01 24.39
C LYS A 365 25.24 -28.98 23.02
N ALA A 366 25.48 -27.80 22.49
CA ALA A 366 26.21 -27.68 21.23
C ALA A 366 26.81 -26.29 21.07
N ASP A 367 27.86 -26.20 20.26
CA ASP A 367 28.44 -24.89 19.96
C ASP A 367 28.68 -24.81 18.48
N ILE A 368 28.17 -23.77 17.84
CA ILE A 368 28.34 -23.61 16.42
C ILE A 368 28.91 -22.23 16.17
N ILE A 369 30.11 -22.18 15.59
CA ILE A 369 30.75 -20.91 15.28
C ILE A 369 30.73 -20.66 13.78
N PHE A 370 30.30 -19.47 13.40
CA PHE A 370 30.26 -19.08 12.00
C PHE A 370 31.36 -18.06 11.74
N THR A 371 32.31 -18.41 10.88
CA THR A 371 33.35 -17.45 10.49
C THR A 371 33.05 -16.82 9.14
N LEU A 372 32.94 -15.50 9.12
CA LEU A 372 32.51 -14.78 7.93
C LEU A 372 33.66 -14.22 7.11
N PRO A 373 33.60 -14.41 5.79
CA PRO A 373 34.58 -13.81 4.87
C PRO A 373 34.76 -12.33 5.13
N LYS A 374 33.71 -11.55 4.95
CA LYS A 374 33.78 -10.13 5.22
C LYS A 374 32.97 -9.82 6.48
N THR A 375 33.50 -8.96 7.33
CA THR A 375 32.78 -8.52 8.52
C THR A 375 31.41 -7.97 8.15
N ILE A 376 30.36 -8.40 8.87
CA ILE A 376 28.98 -8.02 8.56
C ILE A 376 28.34 -7.09 9.60
N GLU A 377 27.22 -6.49 9.24
CA GLU A 377 26.42 -5.71 10.18
C GLU A 377 24.99 -6.24 10.29
N PHE A 378 24.52 -6.53 11.50
CA PHE A 378 23.15 -7.03 11.66
C PHE A 378 22.48 -6.51 12.92
N ASP A 379 21.15 -6.58 12.95
CA ASP A 379 20.36 -6.13 14.09
C ASP A 379 19.13 -7.01 14.30
N CYS A 380 19.23 -8.24 13.83
CA CYS A 380 18.11 -9.15 13.88
C CYS A 380 18.57 -10.58 13.69
N LEU A 381 17.99 -11.51 14.43
CA LEU A 381 18.24 -12.92 14.19
C LEU A 381 17.00 -13.79 14.33
N MET A 382 17.07 -14.96 13.70
CA MET A 382 15.98 -15.91 13.67
C MET A 382 16.48 -17.36 13.79
N ILE A 383 15.74 -18.19 14.50
CA ILE A 383 16.09 -19.59 14.63
C ILE A 383 14.83 -20.44 14.57
N GLU A 384 14.95 -21.63 13.97
CA GLU A 384 13.80 -22.51 13.77
C GLU A 384 14.13 -23.97 14.06
N GLU A 385 13.29 -24.60 14.86
CA GLU A 385 13.50 -25.98 15.28
C GLU A 385 12.71 -26.93 14.40
N VAL A 386 13.10 -28.20 14.41
CA VAL A 386 12.38 -29.23 13.70
C VAL A 386 11.27 -29.69 14.63
N ILE A 387 10.13 -29.00 14.56
CA ILE A 387 9.11 -29.17 15.59
C ILE A 387 8.44 -30.54 15.58
N GLU A 388 8.57 -31.26 14.47
CA GLU A 388 8.09 -32.63 14.37
C GLU A 388 8.73 -33.54 15.41
N LEU A 389 9.85 -33.08 15.98
CA LEU A 389 10.60 -33.87 16.95
C LEU A 389 10.46 -33.26 18.34
N GLY A 390 9.44 -32.45 18.55
CA GLY A 390 9.18 -31.89 19.85
C GLY A 390 10.10 -30.76 20.27
N HIS A 391 9.78 -30.12 21.38
CA HIS A 391 10.62 -29.06 21.95
C HIS A 391 11.88 -29.73 22.48
N ARG A 392 13.03 -29.48 21.87
CA ARG A 392 14.25 -30.16 22.29
C ARG A 392 15.22 -29.28 23.06
N THR A 393 15.37 -28.03 22.62
CA THR A 393 16.32 -27.10 23.23
C THR A 393 15.59 -26.14 24.14
N THR A 394 16.09 -25.94 25.35
CA THR A 394 15.40 -25.09 26.31
C THR A 394 16.24 -23.94 26.77
N LYS A 395 17.44 -23.83 26.23
CA LYS A 395 18.29 -22.70 26.58
C LYS A 395 19.30 -22.44 25.48
N TRP A 396 19.27 -21.23 24.93
CA TRP A 396 20.20 -20.88 23.87
C TRP A 396 20.61 -19.41 23.92
N SER A 397 21.79 -19.13 23.37
CA SER A 397 22.36 -17.78 23.34
C SER A 397 23.15 -17.54 22.04
N VAL A 398 23.39 -16.27 21.74
CA VAL A 398 24.15 -15.90 20.54
C VAL A 398 25.22 -14.88 20.89
N GLU A 399 26.43 -15.10 20.37
CA GLU A 399 27.55 -14.21 20.62
C GLU A 399 28.27 -13.81 19.34
N TYR A 400 29.01 -12.72 19.39
CA TYR A 400 29.80 -12.32 18.24
C TYR A 400 31.18 -11.84 18.62
N THR A 401 32.01 -11.64 17.60
CA THR A 401 33.32 -11.03 17.80
C THR A 401 33.78 -10.36 16.51
N VAL A 402 34.70 -9.41 16.65
CA VAL A 402 35.30 -8.77 15.49
C VAL A 402 36.79 -9.11 15.40
N ASP A 403 37.52 -8.86 16.48
CA ASP A 403 38.96 -9.15 16.47
C ASP A 403 39.22 -10.65 16.48
N GLY A 404 38.45 -11.38 17.30
CA GLY A 404 38.59 -12.81 17.40
C GLY A 404 39.00 -13.27 18.79
N LYS A 405 39.42 -12.32 19.61
CA LYS A 405 39.91 -12.62 20.94
C LYS A 405 38.78 -12.62 21.98
N ASN A 406 37.83 -11.70 21.81
CA ASN A 406 36.78 -11.53 22.80
C ASN A 406 35.37 -11.81 22.27
N TRP A 407 34.78 -12.93 22.69
CA TRP A 407 33.37 -13.19 22.40
C TRP A 407 32.53 -12.14 23.11
N ILE A 408 31.55 -11.62 22.41
CA ILE A 408 30.70 -10.57 22.96
C ILE A 408 29.25 -11.05 22.98
N THR A 409 28.59 -10.86 24.12
CA THR A 409 27.23 -11.33 24.23
C THR A 409 26.24 -10.34 23.63
N ILE A 410 25.17 -10.87 23.03
CA ILE A 410 24.08 -10.07 22.55
C ILE A 410 22.98 -10.09 23.60
N PRO A 411 22.85 -9.00 24.37
CA PRO A 411 21.97 -8.92 25.55
C PRO A 411 20.59 -9.47 25.25
N GLU A 412 20.04 -9.05 24.12
CA GLU A 412 18.69 -9.42 23.72
C GLU A 412 18.59 -10.90 23.43
N ALA A 413 19.72 -11.55 23.22
CA ALA A 413 19.75 -12.96 22.82
C ALA A 413 20.65 -13.79 23.73
N THR A 414 20.52 -13.55 25.03
CA THR A 414 21.21 -14.35 26.03
C THR A 414 20.21 -15.11 26.89
N ASP A 415 20.40 -16.43 26.98
CA ASP A 415 19.56 -17.29 27.83
C ASP A 415 18.10 -17.27 27.41
N LYS A 416 17.88 -17.25 26.11
CA LYS A 416 16.56 -17.48 25.57
C LYS A 416 16.26 -18.93 25.89
N GLN A 417 14.99 -19.28 25.89
CA GLN A 417 14.61 -20.63 26.28
C GLN A 417 13.99 -21.40 25.15
N ALA A 418 12.82 -20.95 24.69
CA ALA A 418 12.11 -21.68 23.65
C ALA A 418 12.67 -21.36 22.28
N ILE A 419 12.57 -22.33 21.38
CA ILE A 419 12.78 -22.12 19.96
C ILE A 419 11.48 -22.43 19.21
N GLY A 420 11.09 -23.71 19.22
CA GLY A 420 9.87 -24.12 18.55
C GLY A 420 9.89 -23.83 17.07
N HIS A 421 8.76 -23.40 16.53
CA HIS A 421 8.57 -23.22 15.09
C HIS A 421 9.47 -22.13 14.51
N LYS A 422 9.56 -21.02 15.23
CA LYS A 422 10.38 -19.91 14.84
C LYS A 422 10.56 -19.02 16.06
N TRP A 423 11.78 -18.57 16.31
CA TRP A 423 11.98 -17.51 17.27
C TRP A 423 12.77 -16.36 16.63
N ILE A 424 12.34 -15.13 16.88
CA ILE A 424 12.96 -13.97 16.27
C ILE A 424 13.46 -13.02 17.35
N VAL A 425 14.68 -12.50 17.19
CA VAL A 425 15.17 -11.52 18.14
C VAL A 425 15.73 -10.30 17.40
N ARG A 426 15.26 -9.13 17.82
CA ARG A 426 15.78 -7.88 17.29
C ARG A 426 16.74 -7.33 18.31
N LEU A 427 17.81 -6.70 17.84
CA LEU A 427 18.87 -6.22 18.72
C LEU A 427 19.47 -4.93 18.18
N ALA A 428 20.11 -4.17 19.06
CA ALA A 428 20.87 -3.01 18.65
C ALA A 428 21.98 -3.46 17.70
N PRO A 429 22.19 -2.71 16.60
CA PRO A 429 23.07 -3.10 15.49
C PRO A 429 24.49 -3.41 15.93
N VAL A 430 25.03 -4.55 15.51
CA VAL A 430 26.42 -4.88 15.80
C VAL A 430 27.15 -5.21 14.51
N LYS A 431 28.49 -5.12 14.54
CA LYS A 431 29.35 -5.54 13.44
C LYS A 431 30.11 -6.78 13.87
N ALA A 432 30.29 -7.74 12.97
CA ALA A 432 30.86 -9.02 13.38
C ALA A 432 31.58 -9.79 12.27
N LYS A 433 32.61 -10.52 12.66
CA LYS A 433 33.42 -11.33 11.76
C LYS A 433 33.10 -12.79 12.03
N GLN A 434 32.73 -13.05 13.28
CA GLN A 434 32.26 -14.37 13.66
C GLN A 434 31.04 -14.32 14.57
N VAL A 435 30.17 -15.31 14.43
CA VAL A 435 28.97 -15.41 15.24
C VAL A 435 28.90 -16.79 15.87
N ARG A 436 28.66 -16.82 17.18
CA ARG A 436 28.55 -18.07 17.91
C ARG A 436 27.09 -18.40 18.31
N LEU A 437 26.62 -19.57 17.90
CA LEU A 437 25.34 -20.09 18.35
C LEU A 437 25.55 -21.09 19.48
N ARG A 438 25.12 -20.72 20.68
CA ARG A 438 25.31 -21.55 21.86
C ARG A 438 24.04 -22.28 22.30
N ILE A 439 23.96 -23.58 22.00
CA ILE A 439 22.85 -24.41 22.49
C ILE A 439 23.22 -24.93 23.87
N GLN A 440 22.68 -24.31 24.90
CA GLN A 440 23.18 -24.46 26.27
C GLN A 440 22.51 -25.52 27.13
N ASP A 441 21.32 -25.96 26.74
CA ASP A 441 20.54 -26.91 27.54
C ASP A 441 19.33 -27.43 26.74
N GLY A 442 18.73 -28.52 27.22
CA GLY A 442 17.58 -29.08 26.56
C GLY A 442 17.18 -30.48 27.03
N LYS A 443 16.07 -30.96 26.51
CA LYS A 443 15.55 -32.26 26.88
C LYS A 443 16.16 -33.33 25.99
N ALA A 444 16.46 -32.94 24.75
CA ALA A 444 17.08 -33.85 23.81
C ALA A 444 18.17 -33.13 22.99
N CYS A 445 18.84 -33.87 22.12
CA CYS A 445 19.85 -33.27 21.27
C CYS A 445 19.16 -32.28 20.34
N PRO A 446 19.84 -31.17 20.02
CA PRO A 446 19.21 -30.14 19.18
C PRO A 446 18.89 -30.64 17.79
N ALA A 447 17.87 -30.05 17.19
CA ALA A 447 17.50 -30.31 15.81
C ALA A 447 17.03 -28.99 15.22
N ILE A 448 17.88 -28.37 14.41
CA ILE A 448 17.61 -27.01 14.00
C ILE A 448 17.57 -26.85 12.49
N HIS A 449 16.44 -26.41 11.97
CA HIS A 449 16.24 -26.21 10.52
C HIS A 449 17.03 -25.01 10.04
N THR A 450 17.06 -23.99 10.88
CA THR A 450 17.40 -22.66 10.42
C THR A 450 18.01 -21.80 11.50
N PHE A 451 19.16 -21.21 11.19
CA PHE A 451 19.67 -20.11 11.98
C PHE A 451 20.13 -19.04 11.01
N GLY A 452 20.03 -17.78 11.40
CA GLY A 452 20.34 -16.71 10.48
C GLY A 452 20.38 -15.36 11.15
N VAL A 453 21.25 -14.48 10.65
CA VAL A 453 21.20 -13.08 11.06
C VAL A 453 20.86 -12.18 9.87
N TYR A 454 20.33 -11.00 10.17
CA TYR A 454 19.70 -10.18 9.15
C TYR A 454 19.77 -8.70 9.48
N LYS A 455 19.52 -7.89 8.46
CA LYS A 455 19.43 -6.45 8.63
C LYS A 455 17.99 -6.02 8.40
N GLN A 456 17.38 -5.45 9.42
CA GLN A 456 15.97 -5.07 9.36
C GLN A 456 15.73 -4.05 8.25
N SER A 457 14.58 -4.16 7.59
CA SER A 457 14.21 -3.22 6.53
C SER A 457 14.07 -1.77 7.00
N PRO A 458 14.48 -0.82 6.15
CA PRO A 458 14.26 0.61 6.38
C PRO A 458 12.76 0.92 6.54
N VAL A 459 11.91 0.10 5.91
CA VAL A 459 10.47 0.22 6.05
C VAL A 459 10.11 0.29 7.54
N PHE A 460 10.82 -0.47 8.36
CA PHE A 460 10.61 -0.42 9.79
C PHE A 460 11.29 0.83 10.36
N SER B 2 28.23 34.52 -13.06
CA SER B 2 26.90 33.91 -13.19
C SER B 2 26.57 33.58 -14.65
N LEU B 3 25.82 32.51 -14.85
CA LEU B 3 25.37 32.13 -16.19
C LEU B 3 24.19 32.96 -16.66
N ALA B 4 24.11 33.15 -17.97
CA ALA B 4 23.01 33.86 -18.58
C ALA B 4 22.05 32.84 -19.17
N PRO B 5 20.74 33.15 -19.13
CA PRO B 5 19.73 32.21 -19.61
C PRO B 5 19.81 32.03 -21.12
N CYS B 6 19.47 30.85 -21.61
CA CYS B 6 19.44 30.58 -23.03
C CYS B 6 18.02 30.38 -23.55
N GLY B 7 17.62 31.18 -24.54
CA GLY B 7 16.27 31.07 -25.08
C GLY B 7 15.21 31.48 -24.07
N LEU B 8 14.05 30.83 -24.14
CA LEU B 8 12.92 31.21 -23.28
C LEU B 8 13.00 30.59 -21.89
N VAL B 9 12.40 31.28 -20.91
CA VAL B 9 12.53 30.88 -19.52
C VAL B 9 11.18 30.73 -18.84
N PRO B 10 11.11 29.81 -17.85
CA PRO B 10 9.86 29.60 -17.09
C PRO B 10 9.52 30.83 -16.26
N SER B 11 8.24 31.08 -16.01
CA SER B 11 7.85 32.10 -15.05
C SER B 11 7.98 31.52 -13.65
N ALA B 12 7.65 32.32 -12.64
CA ALA B 12 7.73 31.84 -11.26
C ALA B 12 6.63 30.81 -11.00
N ARG B 13 5.46 31.06 -11.60
CA ARG B 13 4.32 30.14 -11.51
C ARG B 13 4.70 28.81 -12.14
N GLN B 14 5.26 28.88 -13.33
CA GLN B 14 5.67 27.68 -14.04
C GLN B 14 6.68 26.89 -13.21
N LEU B 15 7.59 27.60 -12.53
CA LEU B 15 8.56 26.93 -11.67
C LEU B 15 7.84 26.23 -10.52
N GLU B 16 6.83 26.90 -9.95
CA GLU B 16 6.11 26.34 -8.81
C GLU B 16 5.33 25.09 -9.19
N TRP B 17 4.66 25.17 -10.33
CA TRP B 17 3.94 24.04 -10.89
C TRP B 17 4.86 22.86 -11.19
N TYR B 18 6.01 23.11 -11.84
CA TYR B 18 6.99 22.05 -12.13
C TYR B 18 7.43 21.34 -10.85
N ASN B 19 7.63 22.11 -9.80
CA ASN B 19 8.05 21.55 -8.52
C ASN B 19 7.05 20.58 -7.91
N ARG B 20 5.76 20.76 -8.21
CA ARG B 20 4.72 19.88 -7.67
C ARG B 20 4.95 18.45 -8.09
N GLU B 21 5.44 18.25 -9.31
CA GLU B 21 5.66 16.93 -9.90
C GLU B 21 4.35 16.15 -10.16
N MET B 22 3.52 16.03 -9.13
CA MET B 22 2.22 15.38 -9.31
C MET B 22 1.07 16.26 -8.85
N ILE B 23 -0.08 16.11 -9.52
CA ILE B 23 -1.30 16.79 -9.15
C ILE B 23 -2.45 15.79 -9.27
N ALA B 24 -3.41 15.86 -8.36
CA ALA B 24 -4.57 15.00 -8.42
C ALA B 24 -5.76 15.67 -9.10
N PHE B 25 -6.43 14.90 -9.95
CA PHE B 25 -7.73 15.28 -10.49
C PHE B 25 -8.80 14.57 -9.62
N PHE B 26 -9.91 15.26 -9.34
CA PHE B 26 -11.10 14.62 -8.79
C PHE B 26 -12.30 14.91 -9.67
N HIS B 27 -12.60 13.97 -10.56
CA HIS B 27 -13.79 14.06 -11.39
C HIS B 27 -15.01 13.58 -10.62
N PHE B 28 -15.86 14.52 -10.28
CA PHE B 28 -16.94 14.23 -9.38
C PHE B 28 -18.07 15.18 -9.67
N GLY B 29 -19.29 14.64 -9.70
CA GLY B 29 -20.46 15.45 -9.97
C GLY B 29 -21.71 14.62 -10.22
N ILE B 30 -22.62 15.20 -10.99
CA ILE B 30 -23.86 14.56 -11.33
C ILE B 30 -23.70 13.29 -12.20
N ASN B 31 -22.67 13.24 -13.04
CA ASN B 31 -22.40 12.04 -13.85
C ASN B 31 -22.23 10.81 -12.97
N THR B 32 -21.62 11.01 -11.80
CA THR B 32 -21.41 9.92 -10.87
C THR B 32 -22.73 9.21 -10.50
N PHE B 33 -23.85 9.94 -10.59
CA PHE B 33 -25.13 9.39 -10.12
C PHE B 33 -26.03 8.85 -11.23
N GLU B 34 -25.51 8.82 -12.45
CA GLU B 34 -26.14 8.10 -13.53
C GLU B 34 -25.45 6.75 -13.73
N GLU B 35 -25.97 5.94 -14.63
CA GLU B 35 -25.38 4.63 -14.88
C GLU B 35 -24.36 4.74 -16.01
N TYR B 36 -23.08 4.56 -15.65
CA TYR B 36 -21.99 4.59 -16.62
C TYR B 36 -22.01 5.81 -17.55
N VAL B 37 -22.12 7.01 -16.97
CA VAL B 37 -22.03 8.22 -17.78
C VAL B 37 -20.71 8.96 -17.52
N ASN B 38 -19.99 9.26 -18.60
CA ASN B 38 -18.82 10.13 -18.51
C ASN B 38 -19.02 11.51 -19.09
N GLU B 39 -19.98 11.64 -20.00
CA GLU B 39 -20.35 12.96 -20.50
C GLU B 39 -21.86 13.17 -20.37
N GLY B 40 -22.24 14.01 -19.42
CA GLY B 40 -23.64 14.28 -19.12
C GLY B 40 -24.23 15.24 -20.11
N ASP B 41 -25.53 15.08 -20.38
CA ASP B 41 -26.20 15.91 -21.37
C ASP B 41 -26.80 17.20 -20.80
N GLY B 42 -26.60 17.43 -19.51
CA GLY B 42 -27.18 18.60 -18.87
C GLY B 42 -28.68 18.47 -18.59
N LYS B 43 -29.24 17.28 -18.83
CA LYS B 43 -30.67 17.06 -18.66
C LYS B 43 -31.03 16.28 -17.40
N ALA B 44 -30.04 15.65 -16.77
CA ALA B 44 -30.29 14.90 -15.54
C ALA B 44 -30.88 15.84 -14.51
N SER B 45 -31.77 15.31 -13.68
CA SER B 45 -32.35 16.09 -12.60
C SER B 45 -31.30 16.34 -11.52
N THR B 46 -31.24 17.56 -11.01
CA THR B 46 -30.29 17.85 -9.94
C THR B 46 -30.56 16.92 -8.75
N ALA B 47 -31.81 16.50 -8.59
CA ALA B 47 -32.21 15.70 -7.44
C ALA B 47 -31.35 14.45 -7.22
N ILE B 48 -30.89 13.83 -8.30
CA ILE B 48 -30.15 12.59 -8.17
C ILE B 48 -28.75 12.75 -7.54
N PHE B 49 -28.25 13.98 -7.44
CA PHE B 49 -26.96 14.16 -6.80
C PHE B 49 -27.09 13.97 -5.31
N ASN B 50 -26.43 12.95 -4.78
CA ASN B 50 -26.64 12.54 -3.40
C ASN B 50 -25.58 11.60 -2.85
N PRO B 51 -24.34 12.11 -2.68
CA PRO B 51 -23.31 11.26 -2.10
C PRO B 51 -23.70 10.90 -0.67
N THR B 52 -23.58 9.62 -0.32
CA THR B 52 -24.09 9.11 0.95
C THR B 52 -23.11 9.24 2.10
N ALA B 53 -21.85 9.57 1.83
CA ALA B 53 -20.87 9.68 2.92
C ALA B 53 -19.68 10.57 2.57
N LEU B 54 -19.93 11.66 1.84
CA LEU B 54 -18.87 12.51 1.33
C LEU B 54 -17.91 12.96 2.42
N ASP B 55 -16.62 12.82 2.15
CA ASP B 55 -15.60 13.22 3.10
C ASP B 55 -14.33 13.58 2.34
N CYS B 56 -14.14 14.88 2.06
CA CYS B 56 -12.96 15.31 1.32
C CYS B 56 -11.65 15.12 2.10
N ARG B 57 -11.75 14.94 3.41
CA ARG B 57 -10.55 14.67 4.21
C ARG B 57 -10.00 13.31 3.82
N GLN B 58 -10.91 12.40 3.49
CA GLN B 58 -10.52 11.07 3.05
C GLN B 58 -9.76 11.19 1.73
N TRP B 59 -10.11 12.18 0.92
CA TRP B 59 -9.44 12.35 -0.37
C TRP B 59 -8.03 12.85 -0.13
N MET B 60 -7.89 13.77 0.81
CA MET B 60 -6.59 14.33 1.15
C MET B 60 -5.69 13.28 1.77
N GLN B 61 -6.25 12.47 2.67
CA GLN B 61 -5.53 11.34 3.21
C GLN B 61 -4.90 10.55 2.07
N THR B 62 -5.69 10.27 1.03
CA THR B 62 -5.22 9.50 -0.10
C THR B 62 -4.03 10.20 -0.80
N LEU B 63 -4.10 11.51 -0.92
CA LEU B 63 -3.05 12.27 -1.58
C LEU B 63 -1.81 12.32 -0.71
N LYS B 64 -2.01 12.51 0.59
CA LYS B 64 -0.90 12.49 1.54
C LYS B 64 -0.08 11.24 1.38
N ALA B 65 -0.71 10.08 1.52
CA ALA B 65 -0.02 8.80 1.41
C ALA B 65 0.60 8.64 0.03
N ALA B 66 0.05 9.33 -0.96
CA ALA B 66 0.55 9.16 -2.31
C ALA B 66 1.65 10.17 -2.65
N GLY B 67 1.89 11.14 -1.78
CA GLY B 67 2.92 12.15 -2.02
C GLY B 67 2.49 13.30 -2.92
N ILE B 68 1.18 13.46 -3.10
CA ILE B 68 0.64 14.45 -4.04
C ILE B 68 0.24 15.76 -3.33
N PRO B 69 0.94 16.86 -3.67
CA PRO B 69 0.85 18.14 -2.94
C PRO B 69 -0.27 19.08 -3.39
N ALA B 70 -0.98 18.73 -4.46
CA ALA B 70 -1.98 19.63 -5.03
C ALA B 70 -3.13 18.81 -5.62
N ALA B 71 -4.34 19.40 -5.64
CA ALA B 71 -5.49 18.69 -6.21
C ALA B 71 -6.40 19.62 -7.01
N ILE B 72 -6.93 19.10 -8.11
CA ILE B 72 -7.91 19.84 -8.91
C ILE B 72 -9.30 19.19 -8.96
N LEU B 73 -10.30 19.91 -8.49
CA LEU B 73 -11.66 19.41 -8.43
C LEU B 73 -12.49 19.96 -9.60
N THR B 74 -13.30 19.10 -10.24
CA THR B 74 -14.24 19.59 -11.25
C THR B 74 -15.45 20.29 -10.62
N ALA B 75 -15.35 21.60 -10.46
CA ALA B 75 -16.44 22.42 -9.93
C ALA B 75 -17.68 22.40 -10.83
N LYS B 76 -17.47 22.11 -12.11
CA LYS B 76 -18.54 21.99 -13.08
C LYS B 76 -17.96 21.34 -14.32
N HIS B 77 -18.54 20.22 -14.73
CA HIS B 77 -18.09 19.58 -15.95
C HIS B 77 -18.99 20.08 -17.09
N ALA B 78 -18.81 19.53 -18.29
CA ALA B 78 -19.57 19.98 -19.46
C ALA B 78 -21.07 19.84 -19.28
N ASP B 79 -21.49 18.94 -18.40
CA ASP B 79 -22.89 18.72 -18.16
C ASP B 79 -23.54 19.95 -17.49
N GLY B 80 -22.70 20.85 -16.99
CA GLY B 80 -23.17 22.11 -16.42
C GLY B 80 -23.49 22.16 -14.93
N PHE B 81 -23.50 21.03 -14.25
CA PHE B 81 -23.90 20.96 -12.85
C PHE B 81 -22.83 21.52 -11.91
N CYS B 82 -23.19 22.51 -11.10
CA CYS B 82 -22.22 23.18 -10.23
C CYS B 82 -22.16 22.58 -8.83
N LEU B 83 -20.94 22.43 -8.32
CA LEU B 83 -20.73 21.68 -7.09
C LEU B 83 -20.72 22.60 -5.88
N TRP B 84 -21.02 23.87 -6.13
CA TRP B 84 -21.13 24.89 -5.09
C TRP B 84 -22.40 25.68 -5.38
N PRO B 85 -23.05 26.23 -4.32
CA PRO B 85 -24.32 26.95 -4.49
C PRO B 85 -24.17 28.30 -5.17
N SER B 86 -23.81 28.28 -6.46
CA SER B 86 -23.68 29.52 -7.22
C SER B 86 -24.97 30.34 -7.18
N LYS B 87 -24.80 31.66 -7.26
CA LYS B 87 -25.93 32.58 -7.26
C LYS B 87 -26.48 32.74 -8.66
N TYR B 88 -25.85 32.11 -9.62
CA TYR B 88 -26.17 32.42 -11.00
C TYR B 88 -26.83 31.26 -11.73
N THR B 89 -27.16 30.20 -10.99
CA THR B 89 -27.84 29.09 -11.61
C THR B 89 -28.56 28.25 -10.58
N ASP B 90 -29.57 27.51 -11.02
CA ASP B 90 -30.21 26.55 -10.12
C ASP B 90 -29.72 25.15 -10.42
N TYR B 91 -28.86 25.01 -11.43
CA TYR B 91 -28.47 23.68 -11.83
C TYR B 91 -27.23 23.27 -11.04
N SER B 92 -27.44 23.02 -9.75
CA SER B 92 -26.34 22.86 -8.81
C SER B 92 -26.75 22.11 -7.54
N VAL B 93 -25.82 22.09 -6.58
CA VAL B 93 -26.02 21.38 -5.32
C VAL B 93 -27.10 22.05 -4.47
N LYS B 94 -27.40 23.30 -4.80
CA LYS B 94 -28.52 24.03 -4.19
C LYS B 94 -29.84 23.25 -4.29
N ASN B 95 -29.99 22.47 -5.36
CA ASN B 95 -31.20 21.70 -5.59
C ASN B 95 -30.96 20.21 -5.71
N ALA B 96 -29.86 19.74 -5.13
CA ALA B 96 -29.60 18.32 -5.05
C ALA B 96 -30.33 17.76 -3.85
N ALA B 97 -30.56 16.45 -3.83
CA ALA B 97 -31.06 15.77 -2.64
C ALA B 97 -30.02 15.88 -1.52
N TRP B 98 -28.74 15.92 -1.91
CA TRP B 98 -27.64 15.97 -0.95
C TRP B 98 -27.81 17.07 0.09
N LYS B 99 -27.88 16.67 1.36
CA LYS B 99 -27.97 17.59 2.49
C LYS B 99 -29.14 18.55 2.32
N ASN B 100 -30.22 18.06 1.73
CA ASN B 100 -31.38 18.89 1.46
C ASN B 100 -31.02 20.21 0.79
N GLY B 101 -30.14 20.15 -0.21
CA GLY B 101 -29.77 21.31 -1.00
C GLY B 101 -29.02 22.34 -0.21
N LYS B 102 -28.52 21.95 0.97
CA LYS B 102 -27.80 22.89 1.82
C LYS B 102 -26.29 22.70 1.76
N GLY B 103 -25.80 21.93 0.79
CA GLY B 103 -24.39 21.63 0.72
C GLY B 103 -23.55 22.48 -0.22
N ASP B 104 -22.23 22.35 -0.09
CA ASP B 104 -21.24 23.05 -0.92
C ASP B 104 -20.04 22.13 -0.97
N VAL B 105 -19.86 21.43 -2.09
CA VAL B 105 -18.71 20.51 -2.20
C VAL B 105 -17.41 21.27 -2.34
N VAL B 106 -17.44 22.34 -3.13
CA VAL B 106 -16.23 23.12 -3.39
C VAL B 106 -15.67 23.65 -2.07
N ARG B 107 -16.58 24.04 -1.18
CA ARG B 107 -16.23 24.44 0.18
C ARG B 107 -15.55 23.31 0.95
N GLU B 108 -16.08 22.10 0.86
CA GLU B 108 -15.52 20.99 1.64
C GLU B 108 -14.17 20.57 1.08
N PHE B 109 -14.04 20.70 -0.23
CA PHE B 109 -12.79 20.43 -0.93
C PHE B 109 -11.68 21.41 -0.52
N VAL B 110 -11.92 22.71 -0.65
CA VAL B 110 -10.89 23.68 -0.29
C VAL B 110 -10.53 23.61 1.20
N ASP B 111 -11.53 23.48 2.06
CA ASP B 111 -11.32 23.34 3.50
C ASP B 111 -10.37 22.19 3.82
N ALA B 112 -10.69 21.01 3.31
CA ALA B 112 -9.83 19.84 3.50
C ALA B 112 -8.41 20.08 2.98
N CYS B 113 -8.30 20.75 1.83
CA CYS B 113 -7.01 21.09 1.24
C CYS B 113 -6.18 21.91 2.22
N GLU B 114 -6.80 22.94 2.80
CA GLU B 114 -6.15 23.77 3.79
C GLU B 114 -5.76 22.96 5.01
N GLU B 115 -6.66 22.10 5.46
CA GLU B 115 -6.38 21.30 6.64
C GLU B 115 -5.12 20.45 6.44
N TYR B 116 -4.92 19.96 5.22
CA TYR B 116 -3.82 19.04 4.95
C TYR B 116 -2.64 19.74 4.28
N GLY B 117 -2.77 21.05 4.08
CA GLY B 117 -1.69 21.80 3.47
C GLY B 117 -1.51 21.37 2.04
N LEU B 118 -2.60 21.24 1.30
CA LEU B 118 -2.53 20.91 -0.12
C LEU B 118 -3.01 22.09 -0.96
N LYS B 119 -2.47 22.19 -2.17
CA LYS B 119 -2.82 23.29 -3.04
C LYS B 119 -4.11 22.99 -3.79
N ALA B 120 -5.07 23.91 -3.71
CA ALA B 120 -6.39 23.70 -4.32
C ALA B 120 -6.48 24.29 -5.72
N GLY B 121 -6.99 23.49 -6.66
CA GLY B 121 -7.19 23.94 -8.01
C GLY B 121 -8.62 23.71 -8.47
N ILE B 122 -9.03 24.47 -9.46
CA ILE B 122 -10.40 24.45 -9.93
C ILE B 122 -10.53 24.20 -11.42
N TYR B 123 -11.25 23.13 -11.75
CA TYR B 123 -11.70 22.84 -13.10
C TYR B 123 -13.12 23.40 -13.30
N LEU B 124 -13.25 24.34 -14.24
CA LEU B 124 -14.54 24.96 -14.53
C LEU B 124 -14.85 24.92 -16.05
N GLY B 125 -15.65 23.94 -16.45
CA GLY B 125 -15.84 23.64 -17.85
C GLY B 125 -16.28 24.78 -18.74
N PRO B 126 -15.41 25.19 -19.67
CA PRO B 126 -15.81 26.21 -20.65
C PRO B 126 -17.07 25.79 -21.44
N HIS B 127 -17.07 24.63 -22.06
CA HIS B 127 -18.23 24.21 -22.82
C HIS B 127 -19.26 23.67 -21.84
N ASP B 128 -20.49 24.12 -21.99
CA ASP B 128 -21.53 23.90 -20.99
C ASP B 128 -22.82 23.47 -21.67
N ARG B 129 -23.07 22.17 -21.70
CA ARG B 129 -24.22 21.62 -22.41
C ARG B 129 -25.54 22.10 -21.79
N HIS B 130 -25.53 22.37 -20.50
CA HIS B 130 -26.76 22.79 -19.85
C HIS B 130 -27.21 24.17 -20.30
N GLU B 131 -26.28 25.13 -20.37
CA GLU B 131 -26.62 26.50 -20.71
C GLU B 131 -27.05 26.57 -22.16
N HIS B 132 -26.47 25.69 -22.96
CA HIS B 132 -26.84 25.61 -24.36
C HIS B 132 -28.28 25.14 -24.53
N LEU B 133 -28.86 24.55 -23.48
CA LEU B 133 -30.26 24.12 -23.54
C LEU B 133 -31.19 25.31 -23.51
N SER B 134 -30.74 26.40 -22.89
CA SER B 134 -31.58 27.55 -22.73
C SER B 134 -31.87 28.21 -24.07
N PRO B 135 -33.14 28.59 -24.29
CA PRO B 135 -33.55 29.26 -25.53
C PRO B 135 -33.00 30.68 -25.65
N LEU B 136 -32.40 31.18 -24.59
CA LEU B 136 -31.82 32.51 -24.60
C LEU B 136 -30.29 32.47 -24.65
N TYR B 137 -29.72 31.31 -24.96
CA TYR B 137 -28.27 31.18 -24.97
C TYR B 137 -27.61 32.00 -26.09
N THR B 138 -26.58 32.75 -25.72
CA THR B 138 -25.64 33.33 -26.66
C THR B 138 -24.24 33.25 -26.06
N THR B 139 -23.22 33.23 -26.91
CA THR B 139 -21.85 33.23 -26.43
C THR B 139 -21.63 34.45 -25.56
N GLU B 140 -22.18 35.58 -25.98
CA GLU B 140 -22.02 36.81 -25.23
C GLU B 140 -22.60 36.65 -23.82
N ARG B 141 -23.81 36.10 -23.72
CA ARG B 141 -24.43 35.89 -22.42
C ARG B 141 -23.68 34.87 -21.58
N TYR B 142 -23.27 33.77 -22.21
CA TYR B 142 -22.54 32.74 -21.51
C TYR B 142 -21.23 33.28 -20.94
N LYS B 143 -20.61 34.20 -21.68
CA LYS B 143 -19.38 34.83 -21.24
C LYS B 143 -19.56 35.47 -19.88
N GLU B 144 -20.66 36.21 -19.73
CA GLU B 144 -20.95 36.90 -18.48
C GLU B 144 -21.34 35.95 -17.37
N TYR B 145 -22.00 34.86 -17.73
CA TYR B 145 -22.39 33.84 -16.76
C TYR B 145 -21.14 33.21 -16.17
N TYR B 146 -20.26 32.75 -17.05
CA TYR B 146 -19.03 32.08 -16.64
C TYR B 146 -18.18 33.01 -15.79
N ALA B 147 -18.09 34.27 -16.21
CA ALA B 147 -17.36 35.31 -15.47
C ALA B 147 -17.79 35.38 -14.00
N HIS B 148 -19.09 35.42 -13.79
CA HIS B 148 -19.65 35.48 -12.45
C HIS B 148 -19.28 34.28 -11.61
N GLN B 149 -19.40 33.09 -12.20
CA GLN B 149 -19.04 31.89 -11.49
C GLN B 149 -17.55 31.91 -11.21
N LEU B 150 -16.78 32.21 -12.26
CA LEU B 150 -15.34 32.33 -12.12
C LEU B 150 -15.01 33.33 -11.01
N GLY B 151 -15.73 34.45 -10.99
CA GLY B 151 -15.61 35.42 -9.91
C GLY B 151 -15.80 34.81 -8.54
N GLU B 152 -16.86 34.01 -8.37
CA GLU B 152 -17.17 33.40 -7.07
C GLU B 152 -16.05 32.43 -6.63
N LEU B 153 -15.71 31.50 -7.51
CA LEU B 153 -14.68 30.53 -7.23
C LEU B 153 -13.34 31.21 -7.03
N MET B 154 -13.08 32.28 -7.77
CA MET B 154 -11.81 32.98 -7.59
C MET B 154 -11.77 33.93 -6.37
N SER B 155 -12.93 34.17 -5.75
CA SER B 155 -13.00 35.09 -4.61
C SER B 155 -13.32 34.44 -3.27
N ASP B 156 -14.31 33.56 -3.24
CA ASP B 156 -14.87 33.10 -1.96
C ASP B 156 -14.28 31.79 -1.44
N TYR B 157 -13.23 31.31 -2.09
CA TYR B 157 -12.79 29.94 -1.81
C TYR B 157 -11.31 29.79 -1.51
N GLY B 158 -10.68 30.87 -1.07
CA GLY B 158 -9.29 30.81 -0.65
C GLY B 158 -8.38 30.90 -1.85
N LYS B 159 -7.11 30.56 -1.65
CA LYS B 159 -6.11 30.67 -2.69
C LYS B 159 -6.24 29.52 -3.69
N ILE B 160 -6.25 29.86 -4.97
CA ILE B 160 -6.40 28.87 -6.04
C ILE B 160 -5.13 28.76 -6.88
N TRP B 161 -4.56 27.56 -6.89
CA TRP B 161 -3.27 27.37 -7.51
C TRP B 161 -3.32 26.91 -8.97
N GLU B 162 -4.48 26.46 -9.41
CA GLU B 162 -4.64 26.10 -10.81
C GLU B 162 -6.08 26.27 -11.25
N THR B 163 -6.26 26.78 -12.47
CA THR B 163 -7.55 26.82 -13.12
C THR B 163 -7.41 26.04 -14.43
N TRP B 164 -8.31 25.09 -14.65
CA TRP B 164 -8.24 24.20 -15.80
C TRP B 164 -9.31 24.57 -16.82
N TRP B 165 -8.90 24.72 -18.07
CA TRP B 165 -9.83 25.04 -19.16
C TRP B 165 -9.82 23.94 -20.23
N ASP B 166 -10.71 22.97 -20.07
CA ASP B 166 -10.88 21.87 -21.03
C ASP B 166 -11.26 22.39 -22.41
N GLY B 167 -10.68 21.83 -23.45
CA GLY B 167 -10.92 22.33 -24.80
C GLY B 167 -12.07 21.67 -25.53
N ALA B 168 -12.50 20.51 -25.05
CA ALA B 168 -13.58 19.80 -25.70
C ALA B 168 -14.82 20.70 -25.80
N GLY B 169 -15.43 20.70 -26.98
CA GLY B 169 -16.62 21.49 -27.22
C GLY B 169 -16.41 22.99 -27.08
N ALA B 170 -15.16 23.43 -27.02
CA ALA B 170 -14.89 24.84 -26.71
C ALA B 170 -14.52 25.68 -27.93
N ASP B 171 -14.56 25.08 -29.12
CA ASP B 171 -14.20 25.78 -30.35
C ASP B 171 -14.98 27.07 -30.58
N GLU B 172 -16.26 27.08 -30.24
CA GLU B 172 -17.08 28.29 -30.39
C GLU B 172 -16.53 29.45 -29.56
N LEU B 173 -15.87 29.15 -28.45
CA LEU B 173 -15.33 30.21 -27.60
C LEU B 173 -14.13 30.88 -28.26
N THR B 174 -14.21 32.20 -28.42
CA THR B 174 -13.16 32.97 -29.07
C THR B 174 -12.22 33.58 -28.06
N THR B 175 -11.07 34.03 -28.56
CA THR B 175 -9.99 34.56 -27.74
C THR B 175 -10.39 35.70 -26.79
N PRO B 176 -11.22 36.66 -27.26
CA PRO B 176 -11.59 37.71 -26.30
C PRO B 176 -12.46 37.21 -25.13
N VAL B 177 -13.27 36.17 -25.34
CA VAL B 177 -14.02 35.58 -24.25
C VAL B 177 -13.07 35.15 -23.12
N TYR B 178 -12.10 34.32 -23.48
CA TYR B 178 -11.09 33.85 -22.54
C TYR B 178 -10.30 35.01 -21.90
N ARG B 179 -10.13 36.10 -22.64
CA ARG B 179 -9.39 37.25 -22.13
C ARG B 179 -10.10 37.85 -20.94
N HIS B 180 -11.43 37.94 -21.06
CA HIS B 180 -12.28 38.41 -19.98
C HIS B 180 -12.09 37.51 -18.76
N TRP B 181 -12.14 36.19 -18.99
CA TRP B 181 -12.00 35.21 -17.89
C TRP B 181 -10.61 35.30 -17.27
N TYR B 182 -9.61 35.47 -18.14
CA TYR B 182 -8.21 35.54 -17.74
C TYR B 182 -7.94 36.70 -16.81
N LYS B 183 -8.46 37.87 -17.18
CA LYS B 183 -8.31 39.06 -16.35
C LYS B 183 -8.80 38.80 -14.93
N ILE B 184 -9.96 38.15 -14.82
CA ILE B 184 -10.54 37.76 -13.52
C ILE B 184 -9.65 36.83 -12.70
N VAL B 185 -9.16 35.77 -13.30
CA VAL B 185 -8.25 34.86 -12.59
C VAL B 185 -6.94 35.55 -12.12
N ARG B 186 -6.25 36.19 -13.07
CA ARG B 186 -4.94 36.77 -12.82
C ARG B 186 -5.02 37.86 -11.75
N GLU B 187 -6.04 38.70 -11.86
CA GLU B 187 -6.28 39.77 -10.89
C GLU B 187 -6.60 39.22 -9.51
N LYS B 188 -7.45 38.20 -9.43
CA LYS B 188 -7.87 37.70 -8.13
C LYS B 188 -6.95 36.64 -7.55
N GLN B 189 -6.36 35.83 -8.41
CA GLN B 189 -5.43 34.80 -7.95
C GLN B 189 -4.10 34.84 -8.72
N PRO B 190 -3.21 35.77 -8.32
CA PRO B 190 -1.96 35.96 -9.08
C PRO B 190 -1.04 34.73 -9.16
N ASP B 191 -1.09 33.82 -8.20
CA ASP B 191 -0.29 32.60 -8.27
C ASP B 191 -0.91 31.45 -9.08
N CYS B 192 -2.13 31.65 -9.55
CA CYS B 192 -2.86 30.57 -10.19
C CYS B 192 -2.30 30.15 -11.55
N VAL B 193 -1.93 28.89 -11.70
CA VAL B 193 -1.49 28.36 -12.98
C VAL B 193 -2.69 28.07 -13.89
N ILE B 194 -2.61 28.48 -15.15
CA ILE B 194 -3.71 28.24 -16.07
C ILE B 194 -3.40 27.16 -17.12
N PHE B 195 -4.10 26.04 -17.02
CA PHE B 195 -4.09 25.06 -18.09
C PHE B 195 -5.03 25.59 -19.17
N GLY B 196 -4.47 25.96 -20.31
CA GLY B 196 -5.28 26.57 -21.35
C GLY B 196 -5.21 25.85 -22.68
N THR B 197 -6.35 25.76 -23.34
CA THR B 197 -6.41 25.04 -24.59
C THR B 197 -7.01 25.93 -25.67
N LYS B 198 -6.84 25.48 -26.90
CA LYS B 198 -7.41 26.13 -28.08
C LYS B 198 -7.34 27.66 -28.04
N ASN B 199 -8.49 28.33 -28.13
CA ASN B 199 -8.48 29.79 -28.27
C ASN B 199 -8.03 30.57 -27.04
N SER B 200 -7.73 29.85 -25.95
CA SER B 200 -7.19 30.48 -24.74
C SER B 200 -5.67 30.59 -24.76
N TYR B 201 -5.04 30.17 -25.86
CA TYR B 201 -3.58 30.08 -25.95
C TYR B 201 -2.74 31.26 -25.46
N PRO B 202 -3.22 32.51 -25.64
CA PRO B 202 -2.30 33.54 -25.09
C PRO B 202 -2.28 33.60 -23.57
N PHE B 203 -3.19 32.89 -22.91
CA PHE B 203 -3.29 33.02 -21.47
C PHE B 203 -2.78 31.80 -20.70
N ALA B 204 -2.50 30.73 -21.42
CA ALA B 204 -2.07 29.46 -20.84
C ALA B 204 -0.68 29.48 -20.20
N ASP B 205 -0.60 29.14 -18.92
CA ASP B 205 0.68 28.90 -18.28
C ASP B 205 1.22 27.51 -18.62
N VAL B 206 0.30 26.54 -18.77
CA VAL B 206 0.69 25.19 -19.19
C VAL B 206 -0.19 24.72 -20.33
N ARG B 207 0.27 23.70 -21.05
CA ARG B 207 -0.43 23.19 -22.23
C ARG B 207 -0.79 21.69 -22.13
N TRP B 208 -1.76 21.27 -22.92
CA TRP B 208 -2.05 19.86 -23.08
C TRP B 208 -0.93 19.22 -23.94
N MET B 209 -0.68 17.93 -23.76
CA MET B 209 0.32 17.25 -24.57
C MET B 209 -0.30 16.32 -25.61
N GLY B 210 -1.60 16.50 -25.87
CA GLY B 210 -2.24 15.86 -27.00
C GLY B 210 -2.74 14.43 -26.88
N ASN B 211 -2.64 13.83 -25.69
CA ASN B 211 -3.25 12.52 -25.43
C ASN B 211 -3.57 12.31 -23.96
N GLU B 212 -4.35 11.27 -23.68
CA GLU B 212 -4.79 10.97 -22.34
C GLU B 212 -4.29 9.60 -21.90
N ALA B 213 -3.21 9.13 -22.52
CA ALA B 213 -2.63 7.85 -22.16
C ALA B 213 -1.58 8.02 -21.08
N GLY B 214 -1.32 9.26 -20.67
CA GLY B 214 -0.26 9.56 -19.72
C GLY B 214 1.14 9.59 -20.36
N GLU B 215 1.21 9.84 -21.66
CA GLU B 215 2.48 9.77 -22.37
C GLU B 215 2.91 11.09 -23.05
N ALA B 216 3.73 11.87 -22.39
CA ALA B 216 4.34 13.05 -23.04
C ALA B 216 5.37 12.59 -24.05
N GLY B 217 5.80 13.53 -24.89
CA GLY B 217 6.73 13.22 -25.96
C GLY B 217 8.14 12.89 -25.49
N ASP B 218 8.84 12.13 -26.32
CA ASP B 218 10.26 11.90 -26.17
C ASP B 218 10.92 12.35 -27.48
N PRO B 219 11.44 13.58 -27.52
CA PRO B 219 11.62 14.53 -26.42
C PRO B 219 10.35 15.28 -26.07
N CYS B 220 10.44 16.12 -25.05
CA CYS B 220 9.34 16.99 -24.70
C CYS B 220 9.88 18.31 -24.18
N TRP B 221 9.85 19.33 -25.04
CA TRP B 221 10.36 20.64 -24.70
C TRP B 221 9.32 21.41 -23.91
N ALA B 222 9.77 22.23 -22.98
CA ALA B 222 8.90 23.14 -22.28
C ALA B 222 8.38 24.22 -23.25
N THR B 223 9.06 24.37 -24.38
CA THR B 223 8.70 25.38 -25.34
C THR B 223 7.93 24.81 -26.51
N THR B 224 7.10 25.65 -27.14
CA THR B 224 6.41 25.28 -28.37
C THR B 224 5.85 26.56 -28.97
N ASP B 225 5.24 26.47 -30.15
CA ASP B 225 4.53 27.62 -30.72
C ASP B 225 3.15 27.71 -30.09
N SER B 226 2.74 28.92 -29.73
CA SER B 226 1.44 29.13 -29.11
C SER B 226 0.30 28.70 -30.05
N VAL B 227 0.54 28.83 -31.35
CA VAL B 227 -0.44 28.40 -32.33
C VAL B 227 -0.67 26.88 -32.29
N ALA B 228 0.23 26.13 -31.67
CA ALA B 228 0.02 24.69 -31.56
C ALA B 228 -1.11 24.43 -30.54
N ILE B 229 -1.14 25.24 -29.49
CA ILE B 229 -2.21 25.17 -28.52
C ILE B 229 -3.54 25.52 -29.19
N ARG B 230 -3.53 26.55 -30.04
CA ARG B 230 -4.72 26.95 -30.76
C ARG B 230 -5.22 25.89 -31.75
N ASP B 231 -4.41 25.56 -32.75
CA ASP B 231 -4.87 24.63 -33.79
C ASP B 231 -4.56 23.18 -33.41
N GLU B 232 -5.00 22.83 -32.20
CA GLU B 232 -4.78 21.54 -31.57
C GLU B 232 -4.69 20.31 -32.49
N ALA B 233 -5.75 20.03 -33.25
CA ALA B 233 -5.82 18.80 -34.02
C ALA B 233 -4.86 18.73 -35.20
N GLN B 234 -4.15 19.82 -35.45
CA GLN B 234 -3.18 19.86 -36.53
C GLN B 234 -1.74 19.91 -36.01
N TYR B 235 -1.56 20.02 -34.70
CA TYR B 235 -0.22 20.07 -34.10
C TYR B 235 -0.05 19.07 -32.96
N TYR B 236 -0.34 17.80 -33.23
CA TYR B 236 -0.08 16.79 -32.23
C TYR B 236 1.36 16.85 -31.73
N LYS B 237 2.31 16.76 -32.65
CA LYS B 237 3.72 16.74 -32.29
C LYS B 237 4.14 17.99 -31.51
N GLY B 238 3.50 19.12 -31.80
CA GLY B 238 3.84 20.37 -31.16
C GLY B 238 3.36 20.47 -29.74
N LEU B 239 2.26 19.79 -29.45
CA LEU B 239 1.76 19.72 -28.07
C LEU B 239 2.50 18.63 -27.32
N ASN B 240 2.63 17.47 -27.95
CA ASN B 240 3.26 16.31 -27.35
C ASN B 240 4.80 16.41 -27.20
N GLU B 241 5.49 16.82 -28.26
CA GLU B 241 6.94 16.99 -28.18
C GLU B 241 7.33 18.42 -27.88
N GLY B 242 6.53 19.37 -28.34
CA GLY B 242 6.91 20.77 -28.24
C GLY B 242 7.91 21.12 -29.33
N MET B 243 8.53 22.29 -29.21
CA MET B 243 9.50 22.72 -30.21
C MET B 243 10.63 23.50 -29.55
N LEU B 244 11.85 23.00 -29.72
CA LEU B 244 13.05 23.69 -29.21
C LEU B 244 13.12 25.16 -29.66
N ASP B 245 12.70 25.43 -30.89
CA ASP B 245 12.63 26.80 -31.37
C ASP B 245 11.23 27.39 -31.22
N GLY B 246 10.49 26.97 -30.20
CA GLY B 246 9.13 27.43 -30.00
C GLY B 246 9.05 28.87 -29.51
N ASP B 247 8.05 29.60 -29.97
CA ASP B 247 7.95 31.01 -29.61
C ASP B 247 7.42 31.26 -28.19
N ALA B 248 7.11 30.19 -27.47
CA ALA B 248 6.53 30.33 -26.13
C ALA B 248 7.00 29.26 -25.17
N TYR B 249 7.23 29.66 -23.93
CA TYR B 249 7.56 28.73 -22.88
C TYR B 249 6.28 28.29 -22.19
N ILE B 250 5.66 27.23 -22.69
CA ILE B 250 4.43 26.71 -22.12
C ILE B 250 4.54 25.21 -21.91
N PRO B 251 5.04 24.81 -20.74
CA PRO B 251 5.34 23.38 -20.54
C PRO B 251 4.08 22.50 -20.51
N ALA B 252 4.24 21.21 -20.80
CA ALA B 252 3.10 20.32 -20.94
C ALA B 252 2.63 19.68 -19.62
N GLU B 253 1.33 19.59 -19.43
CA GLU B 253 0.79 18.90 -18.26
C GLU B 253 0.16 17.60 -18.74
N THR B 254 0.53 16.49 -18.11
CA THR B 254 0.06 15.19 -18.58
C THR B 254 -1.09 14.68 -17.71
N ASP B 255 -2.28 14.57 -18.31
CA ASP B 255 -3.47 14.18 -17.59
C ASP B 255 -3.89 12.75 -17.93
N VAL B 256 -4.15 11.95 -16.89
CA VAL B 256 -4.48 10.55 -17.07
C VAL B 256 -5.36 10.08 -15.92
N SER B 257 -6.23 9.12 -16.20
CA SER B 257 -7.08 8.60 -15.15
C SER B 257 -6.52 7.31 -14.59
N ILE B 258 -6.74 7.07 -13.30
CA ILE B 258 -6.31 5.83 -12.69
C ILE B 258 -7.20 4.67 -13.14
N ARG B 259 -8.38 5.01 -13.66
CA ARG B 259 -9.33 4.04 -14.20
C ARG B 259 -9.52 4.28 -15.70
N PRO B 260 -10.16 3.34 -16.42
CA PRO B 260 -10.41 3.61 -17.84
C PRO B 260 -11.21 4.87 -18.10
N SER B 261 -12.24 5.17 -17.28
CA SER B 261 -13.04 6.39 -17.40
C SER B 261 -12.55 7.51 -16.49
N TRP B 262 -13.01 8.74 -16.76
CA TRP B 262 -12.70 9.86 -15.87
C TRP B 262 -13.60 9.88 -14.65
N PHE B 263 -14.86 9.50 -14.82
CA PHE B 263 -15.81 9.44 -13.70
C PHE B 263 -15.84 8.04 -13.09
N TYR B 264 -16.37 7.93 -11.86
CA TYR B 264 -16.38 6.65 -11.18
C TYR B 264 -17.50 5.71 -11.64
N HIS B 265 -17.12 4.47 -11.89
CA HIS B 265 -18.06 3.40 -12.22
C HIS B 265 -17.59 2.10 -11.60
N ALA B 266 -18.44 1.52 -10.74
CA ALA B 266 -18.12 0.29 -10.02
C ALA B 266 -17.64 -0.85 -10.92
N GLU B 267 -18.14 -0.89 -12.15
CA GLU B 267 -17.71 -1.89 -13.11
C GLU B 267 -16.21 -1.81 -13.41
N GLU B 268 -15.59 -0.69 -13.07
CA GLU B 268 -14.16 -0.49 -13.38
C GLU B 268 -13.29 -0.69 -12.15
N ASP B 269 -13.91 -1.12 -11.05
CA ASP B 269 -13.18 -1.44 -9.83
C ASP B 269 -12.05 -2.42 -10.11
N SER B 270 -12.18 -3.17 -11.20
CA SER B 270 -11.24 -4.22 -11.52
C SER B 270 -10.23 -3.76 -12.54
N ARG B 271 -10.45 -2.57 -13.10
CA ARG B 271 -9.53 -2.04 -14.11
C ARG B 271 -8.75 -0.85 -13.58
N VAL B 272 -8.58 -0.79 -12.27
CA VAL B 272 -7.73 0.23 -11.69
C VAL B 272 -6.28 -0.09 -12.07
N LYS B 273 -5.55 0.93 -12.48
CA LYS B 273 -4.18 0.78 -12.93
C LYS B 273 -3.26 0.15 -11.87
N SER B 274 -2.49 -0.85 -12.28
CA SER B 274 -1.59 -1.52 -11.36
C SER B 274 -0.47 -0.56 -10.99
N VAL B 275 0.17 -0.81 -9.85
CA VAL B 275 1.31 -0.01 -9.42
C VAL B 275 2.36 0.14 -10.52
N ARG B 276 2.60 -0.93 -11.28
CA ARG B 276 3.59 -0.89 -12.35
C ARG B 276 3.19 0.08 -13.45
N GLU B 277 1.92 0.02 -13.86
CA GLU B 277 1.39 0.89 -14.89
C GLU B 277 1.58 2.34 -14.50
N LEU B 278 1.38 2.63 -13.21
CA LEU B 278 1.50 3.97 -12.71
C LEU B 278 2.96 4.41 -12.74
N TRP B 279 3.85 3.47 -12.46
CA TRP B 279 5.28 3.75 -12.50
C TRP B 279 5.70 4.09 -13.95
N ASP B 280 5.16 3.34 -14.90
CA ASP B 280 5.40 3.64 -16.31
C ASP B 280 4.94 5.06 -16.66
N ILE B 281 3.69 5.36 -16.28
CA ILE B 281 3.11 6.65 -16.57
C ILE B 281 3.88 7.77 -15.87
N TYR B 282 4.32 7.51 -14.64
CA TYR B 282 5.24 8.42 -13.96
C TYR B 282 6.47 8.70 -14.84
N CYS B 283 7.09 7.64 -15.34
CA CYS B 283 8.33 7.78 -16.13
C CYS B 283 8.11 8.43 -17.48
N THR B 284 6.90 8.30 -18.02
CA THR B 284 6.58 8.99 -19.28
C THR B 284 5.85 10.31 -19.07
N SER B 285 5.94 10.87 -17.87
CA SER B 285 5.34 12.18 -17.62
C SER B 285 6.26 13.07 -16.79
N VAL B 286 6.34 12.77 -15.50
CA VAL B 286 7.32 13.45 -14.65
C VAL B 286 8.74 13.20 -15.19
N GLY B 287 9.00 11.98 -15.64
CA GLY B 287 10.29 11.61 -16.16
C GLY B 287 10.45 11.95 -17.63
N ARG B 288 9.56 12.78 -18.14
CA ARG B 288 9.67 13.32 -19.50
C ARG B 288 9.43 14.82 -19.52
N ASN B 289 9.97 15.49 -18.51
CA ASN B 289 9.94 16.94 -18.43
C ASN B 289 8.52 17.49 -18.37
N SER B 290 7.61 16.69 -17.81
CA SER B 290 6.23 17.14 -17.68
C SER B 290 5.76 17.08 -16.23
N VAL B 291 4.46 17.20 -16.02
CA VAL B 291 3.85 17.03 -14.70
C VAL B 291 2.72 16.03 -14.88
N LEU B 292 2.59 15.09 -13.95
CA LEU B 292 1.53 14.11 -14.01
C LEU B 292 0.31 14.61 -13.26
N LEU B 293 -0.79 14.84 -13.98
CA LEU B 293 -2.10 15.10 -13.38
C LEU B 293 -2.87 13.77 -13.35
N LEU B 294 -2.97 13.14 -12.18
CA LEU B 294 -3.61 11.83 -12.07
C LEU B 294 -5.02 11.88 -11.43
N ASN B 295 -6.00 11.35 -12.15
CA ASN B 295 -7.39 11.39 -11.69
C ASN B 295 -7.79 10.24 -10.76
N PHE B 296 -8.41 10.60 -9.62
CA PHE B 296 -9.09 9.65 -8.76
C PHE B 296 -10.54 10.08 -8.69
N PRO B 297 -11.47 9.32 -9.29
CA PRO B 297 -12.89 9.68 -9.21
C PRO B 297 -13.57 9.24 -7.90
N PRO B 298 -14.08 10.18 -7.09
CA PRO B 298 -14.88 9.82 -5.91
C PRO B 298 -16.14 9.06 -6.33
N ASP B 299 -16.59 8.10 -5.52
CA ASP B 299 -17.75 7.30 -5.87
C ASP B 299 -19.08 7.92 -5.42
N ARG B 300 -20.11 7.08 -5.36
CA ARG B 300 -21.43 7.53 -4.97
C ARG B 300 -21.56 7.77 -3.47
N ARG B 301 -20.56 7.35 -2.69
CA ARG B 301 -20.48 7.75 -1.30
C ARG B 301 -19.79 9.11 -1.19
N GLY B 302 -19.07 9.50 -2.25
CA GLY B 302 -18.22 10.68 -2.19
C GLY B 302 -16.88 10.32 -1.58
N LEU B 303 -16.37 9.15 -1.93
CA LEU B 303 -15.12 8.66 -1.39
C LEU B 303 -14.25 8.00 -2.47
N ILE B 304 -12.94 8.03 -2.25
CA ILE B 304 -12.01 7.37 -3.15
C ILE B 304 -11.99 5.87 -2.84
N HIS B 305 -12.17 5.05 -3.88
CA HIS B 305 -12.19 3.61 -3.71
C HIS B 305 -10.84 3.12 -3.19
N SER B 306 -10.85 2.22 -2.23
CA SER B 306 -9.62 1.88 -1.52
C SER B 306 -8.53 1.26 -2.44
N THR B 307 -8.95 0.70 -3.57
CA THR B 307 -7.96 0.18 -4.51
C THR B 307 -7.18 1.31 -5.18
N ASP B 308 -7.87 2.40 -5.47
CA ASP B 308 -7.26 3.58 -6.06
C ASP B 308 -6.24 4.15 -5.08
N SER B 309 -6.66 4.33 -3.83
CA SER B 309 -5.79 4.83 -2.78
C SER B 309 -4.52 3.99 -2.61
N LEU B 310 -4.69 2.68 -2.48
CA LEU B 310 -3.60 1.78 -2.20
C LEU B 310 -2.55 1.84 -3.29
N HIS B 311 -3.02 1.68 -4.53
CA HIS B 311 -2.08 1.66 -5.65
C HIS B 311 -1.27 2.92 -5.69
N ALA B 312 -1.93 4.06 -5.51
CA ALA B 312 -1.22 5.33 -5.51
C ALA B 312 -0.22 5.37 -4.36
N ALA B 313 -0.59 4.79 -3.22
CA ALA B 313 0.29 4.85 -2.06
C ALA B 313 1.54 3.98 -2.28
N LEU B 314 1.36 2.86 -2.96
CA LEU B 314 2.47 1.95 -3.21
C LEU B 314 3.39 2.52 -4.28
N LEU B 315 2.83 3.30 -5.20
CA LEU B 315 3.62 4.04 -6.19
C LEU B 315 4.62 4.94 -5.46
N LYS B 316 4.09 5.71 -4.53
CA LYS B 316 4.86 6.59 -3.69
C LYS B 316 5.97 5.80 -3.02
N GLN B 317 5.63 4.67 -2.44
CA GLN B 317 6.60 3.90 -1.69
C GLN B 317 7.73 3.43 -2.59
N GLY B 318 7.37 2.96 -3.78
CA GLY B 318 8.33 2.52 -4.77
C GLY B 318 9.24 3.64 -5.26
N ILE B 319 8.65 4.80 -5.54
CA ILE B 319 9.45 5.94 -5.96
C ILE B 319 10.43 6.31 -4.87
N ASP B 320 9.96 6.31 -3.62
CA ASP B 320 10.86 6.62 -2.50
C ASP B 320 12.01 5.62 -2.34
N GLU B 321 11.76 4.34 -2.54
CA GLU B 321 12.83 3.35 -2.42
C GLU B 321 13.82 3.56 -3.53
N THR B 322 13.30 3.66 -4.74
CA THR B 322 14.13 3.73 -5.94
C THR B 322 15.13 4.88 -5.88
N PHE B 323 14.64 6.05 -5.52
CA PHE B 323 15.47 7.24 -5.52
C PHE B 323 16.03 7.61 -4.15
N SER B 324 16.00 6.66 -3.21
CA SER B 324 16.48 6.98 -1.87
C SER B 324 18.00 7.08 -1.83
N THR B 325 18.68 6.28 -2.66
CA THR B 325 20.14 6.32 -2.71
C THR B 325 20.70 6.49 -4.11
N ASN B 326 21.32 7.65 -4.39
CA ASN B 326 22.06 7.83 -5.62
C ASN B 326 23.32 6.97 -5.57
N LEU B 327 23.40 5.96 -6.41
CA LEU B 327 24.47 4.98 -6.32
C LEU B 327 25.77 5.53 -6.84
N LEU B 328 25.71 6.76 -7.34
CA LEU B 328 26.90 7.43 -7.84
C LEU B 328 27.67 8.11 -6.71
N ARG B 329 27.02 8.34 -5.57
CA ARG B 329 27.67 9.07 -4.48
C ARG B 329 28.91 8.32 -3.97
N GLY B 330 29.89 9.05 -3.49
CA GLY B 330 31.18 8.48 -3.13
C GLY B 330 32.08 8.25 -4.33
N ALA B 331 31.72 8.81 -5.49
CA ALA B 331 32.55 8.66 -6.67
C ALA B 331 33.61 9.74 -6.75
N LYS B 332 34.74 9.41 -7.38
CA LYS B 332 35.69 10.43 -7.82
C LYS B 332 35.14 10.91 -9.14
N VAL B 333 35.13 12.22 -9.34
CA VAL B 333 34.48 12.78 -10.53
C VAL B 333 35.41 13.65 -11.39
N LYS B 334 35.68 13.20 -12.61
CA LYS B 334 36.53 13.94 -13.53
C LYS B 334 35.67 14.50 -14.68
N ALA B 335 35.92 15.74 -15.06
CA ALA B 335 35.10 16.34 -16.13
C ALA B 335 35.85 17.34 -17.02
N THR B 336 35.62 17.26 -18.32
CA THR B 336 36.05 18.32 -19.22
C THR B 336 35.04 19.45 -19.13
N ASN B 337 35.40 20.61 -19.64
CA ASN B 337 34.51 21.77 -19.62
C ASN B 337 33.84 22.02 -18.27
N VAL B 338 34.60 22.51 -17.30
CA VAL B 338 34.06 22.81 -15.98
C VAL B 338 34.22 24.29 -15.68
N ARG B 339 33.11 24.94 -15.37
CA ARG B 339 33.10 26.40 -15.20
C ARG B 339 33.98 26.88 -14.07
N GLY B 340 33.90 26.23 -12.92
CA GLY B 340 34.64 26.68 -11.74
C GLY B 340 34.39 25.73 -10.60
N ALA B 341 34.84 26.10 -9.41
CA ALA B 341 34.66 25.25 -8.23
C ALA B 341 33.19 25.16 -7.81
N LYS B 342 32.51 26.30 -7.80
CA LYS B 342 31.08 26.39 -7.51
C LYS B 342 30.27 25.50 -8.44
N TYR B 343 30.70 25.39 -9.69
CA TYR B 343 29.94 24.68 -10.71
C TYR B 343 30.54 23.30 -10.98
N SER B 344 31.23 22.76 -9.99
CA SER B 344 31.97 21.52 -10.18
C SER B 344 31.00 20.36 -10.41
N PRO B 345 31.43 19.34 -11.16
CA PRO B 345 30.48 18.29 -11.56
C PRO B 345 29.99 17.48 -10.37
N GLU B 346 30.67 17.57 -9.24
CA GLU B 346 30.28 16.86 -8.04
C GLU B 346 28.98 17.43 -7.46
N LYS B 347 28.66 18.68 -7.84
CA LYS B 347 27.42 19.31 -7.40
C LYS B 347 26.19 18.58 -7.94
N MET B 348 26.38 17.78 -8.99
CA MET B 348 25.32 16.92 -9.49
C MET B 348 24.93 15.83 -8.48
N LEU B 349 25.78 15.59 -7.48
CA LEU B 349 25.56 14.51 -6.52
C LEU B 349 25.32 14.97 -5.08
N ASP B 350 25.33 16.27 -4.83
CA ASP B 350 25.35 16.75 -3.44
C ASP B 350 23.99 16.90 -2.75
N ASN B 351 22.91 16.58 -3.46
CA ASN B 351 21.56 16.69 -2.93
C ASN B 351 21.14 18.07 -2.44
N GLU B 352 21.83 19.10 -2.92
CA GLU B 352 21.42 20.47 -2.67
C GLU B 352 20.47 20.89 -3.76
N LYS B 353 19.44 21.67 -3.41
CA LYS B 353 18.49 22.18 -4.39
C LYS B 353 19.13 23.29 -5.22
N ASN B 354 20.09 24.00 -4.62
CA ASN B 354 20.62 25.22 -5.21
C ASN B 354 22.00 25.14 -5.85
N THR B 355 22.59 23.96 -5.89
CA THR B 355 23.89 23.81 -6.52
C THR B 355 23.76 23.02 -7.82
N TYR B 356 24.73 23.17 -8.70
CA TYR B 356 24.72 22.44 -9.96
C TYR B 356 26.05 22.48 -10.70
N PHE B 357 26.21 21.54 -11.63
CA PHE B 357 27.36 21.54 -12.52
C PHE B 357 27.09 22.46 -13.70
N ALA B 358 28.11 23.21 -14.12
CA ALA B 358 28.00 24.05 -15.30
C ALA B 358 29.26 24.01 -16.14
N GLY B 359 29.13 24.35 -17.42
CA GLY B 359 30.28 24.48 -18.31
C GLY B 359 30.70 25.93 -18.51
N LYS B 360 31.69 26.13 -19.38
CA LYS B 360 32.15 27.48 -19.76
C LYS B 360 31.35 28.04 -20.92
N ASP B 361 31.19 29.37 -20.93
CA ASP B 361 30.47 30.07 -21.99
C ASP B 361 30.95 29.62 -23.36
N GLY B 362 30.00 29.31 -24.23
CA GLY B 362 30.34 28.96 -25.60
C GLY B 362 30.70 27.51 -25.79
N GLU B 363 30.89 26.79 -24.69
CA GLU B 363 31.26 25.39 -24.79
C GLU B 363 30.06 24.49 -24.45
N VAL B 364 29.42 23.91 -25.46
CA VAL B 364 28.17 23.18 -25.21
C VAL B 364 28.36 21.69 -24.91
N LYS B 365 29.58 21.20 -25.05
CA LYS B 365 29.86 19.78 -24.79
C LYS B 365 30.51 19.55 -23.42
N ALA B 366 30.35 18.34 -22.90
CA ALA B 366 31.05 17.95 -21.68
C ALA B 366 31.16 16.44 -21.56
N ASP B 367 32.27 15.99 -20.99
CA ASP B 367 32.39 14.58 -20.62
C ASP B 367 32.65 14.50 -19.13
N ILE B 368 31.83 13.73 -18.43
CA ILE B 368 31.93 13.60 -16.98
C ILE B 368 32.01 12.14 -16.60
N ILE B 369 33.09 11.78 -15.91
CA ILE B 369 33.32 10.39 -15.52
C ILE B 369 33.11 10.23 -14.02
N PHE B 370 32.35 9.21 -13.66
CA PHE B 370 32.18 8.86 -12.27
C PHE B 370 32.87 7.54 -12.04
N THR B 371 33.96 7.56 -11.28
CA THR B 371 34.61 6.30 -10.89
C THR B 371 34.19 5.93 -9.48
N LEU B 372 33.60 4.74 -9.37
CA LEU B 372 33.00 4.29 -8.11
C LEU B 372 33.96 3.45 -7.29
N PRO B 373 33.91 3.61 -5.95
CA PRO B 373 34.79 2.86 -5.05
C PRO B 373 34.55 1.36 -5.20
N LYS B 374 33.29 0.96 -5.29
CA LYS B 374 32.95 -0.45 -5.49
C LYS B 374 31.95 -0.53 -6.63
N THR B 375 32.07 -1.57 -7.45
CA THR B 375 31.20 -1.71 -8.60
C THR B 375 29.72 -1.84 -8.17
N ILE B 376 28.81 -1.25 -8.93
CA ILE B 376 27.40 -1.21 -8.54
C ILE B 376 26.52 -1.83 -9.60
N GLU B 377 25.26 -2.01 -9.25
CA GLU B 377 24.27 -2.44 -10.21
C GLU B 377 23.16 -1.41 -10.24
N PHE B 378 22.69 -1.05 -11.43
CA PHE B 378 21.59 -0.10 -11.52
C PHE B 378 20.76 -0.41 -12.75
N ASP B 379 19.49 0.02 -12.72
CA ASP B 379 18.59 -0.21 -13.85
C ASP B 379 17.74 1.03 -14.09
N CYS B 380 18.27 2.16 -13.66
CA CYS B 380 17.52 3.41 -13.69
C CYS B 380 18.45 4.63 -13.54
N LEU B 381 18.13 5.70 -14.25
CA LEU B 381 18.86 6.94 -14.05
C LEU B 381 17.99 8.17 -14.24
N MET B 382 18.41 9.26 -13.62
CA MET B 382 17.68 10.50 -13.64
C MET B 382 18.63 11.67 -13.83
N ILE B 383 18.20 12.68 -14.59
CA ILE B 383 18.99 13.91 -14.77
C ILE B 383 18.07 15.13 -14.70
N GLU B 384 18.55 16.22 -14.12
CA GLU B 384 17.75 17.43 -13.95
C GLU B 384 18.55 18.67 -14.36
N GLU B 385 17.94 19.51 -15.20
CA GLU B 385 18.55 20.75 -15.67
C GLU B 385 18.21 21.92 -14.76
N VAL B 386 18.98 22.99 -14.86
CA VAL B 386 18.63 24.20 -14.12
C VAL B 386 17.65 24.99 -14.97
N ILE B 387 16.37 24.64 -14.86
CA ILE B 387 15.37 25.12 -15.81
C ILE B 387 15.18 26.63 -15.87
N GLU B 388 15.55 27.32 -14.82
CA GLU B 388 15.52 28.79 -14.85
C GLU B 388 16.41 29.34 -15.97
N LEU B 389 17.42 28.57 -16.34
CA LEU B 389 18.35 28.97 -17.39
C LEU B 389 17.96 28.45 -18.78
N GLY B 390 16.73 27.98 -18.95
CA GLY B 390 16.25 27.54 -20.26
C GLY B 390 16.78 26.19 -20.70
N HIS B 391 16.25 25.65 -21.79
CA HIS B 391 16.73 24.39 -22.37
C HIS B 391 18.12 24.60 -22.98
N ARG B 392 19.16 24.15 -22.29
CA ARG B 392 20.53 24.35 -22.74
C ARG B 392 21.06 23.13 -23.51
N THR B 393 21.01 21.96 -22.89
CA THR B 393 21.50 20.72 -23.51
C THR B 393 20.46 20.11 -24.44
N THR B 394 20.87 19.72 -25.63
CA THR B 394 19.94 19.16 -26.62
C THR B 394 20.33 17.77 -27.08
N LYS B 395 21.40 17.23 -26.51
CA LYS B 395 21.81 15.86 -26.81
C LYS B 395 22.72 15.33 -25.71
N TRP B 396 22.35 14.17 -25.16
CA TRP B 396 23.13 13.54 -24.10
C TRP B 396 23.09 12.02 -24.16
N SER B 397 24.17 11.38 -23.70
CA SER B 397 24.21 9.94 -23.60
C SER B 397 24.86 9.49 -22.29
N VAL B 398 24.68 8.23 -21.95
CA VAL B 398 25.32 7.66 -20.78
C VAL B 398 25.93 6.31 -21.13
N GLU B 399 27.18 6.13 -20.72
CA GLU B 399 27.89 4.87 -20.88
C GLU B 399 28.45 4.42 -19.55
N TYR B 400 28.78 3.15 -19.45
CA TYR B 400 29.41 2.60 -18.26
C TYR B 400 30.50 1.62 -18.68
N THR B 401 31.26 1.15 -17.70
CA THR B 401 32.29 0.16 -17.94
C THR B 401 32.54 -0.72 -16.71
N VAL B 402 32.99 -1.94 -16.94
CA VAL B 402 33.39 -2.83 -15.85
C VAL B 402 34.90 -2.91 -15.81
N ASP B 403 35.50 -3.46 -16.87
CA ASP B 403 36.94 -3.66 -16.91
C ASP B 403 37.71 -2.35 -16.81
N GLY B 404 37.20 -1.30 -17.45
CA GLY B 404 37.89 -0.02 -17.52
C GLY B 404 38.50 0.17 -18.89
N LYS B 405 38.48 -0.89 -19.69
CA LYS B 405 39.02 -0.86 -21.05
C LYS B 405 38.03 -0.20 -22.00
N ASN B 406 36.99 -0.94 -22.36
CA ASN B 406 36.00 -0.47 -23.32
C ASN B 406 34.79 0.21 -22.66
N TRP B 407 34.23 1.24 -23.29
CA TRP B 407 32.98 1.84 -22.80
C TRP B 407 31.82 1.12 -23.45
N ILE B 408 30.75 0.92 -22.68
CA ILE B 408 29.54 0.28 -23.18
C ILE B 408 28.40 1.29 -23.19
N THR B 409 27.79 1.47 -24.36
CA THR B 409 26.63 2.35 -24.47
C THR B 409 25.42 1.73 -23.79
N ILE B 410 24.65 2.54 -23.07
CA ILE B 410 23.34 2.10 -22.60
C ILE B 410 22.33 2.52 -23.66
N PRO B 411 21.74 1.53 -24.36
CA PRO B 411 20.78 1.73 -25.46
C PRO B 411 19.70 2.76 -25.10
N GLU B 412 18.99 2.49 -24.02
CA GLU B 412 17.88 3.35 -23.60
C GLU B 412 18.32 4.78 -23.25
N ALA B 413 19.62 5.00 -23.11
CA ALA B 413 20.13 6.32 -22.78
C ALA B 413 21.16 6.79 -23.79
N THR B 414 20.96 6.40 -25.05
CA THR B 414 21.83 6.92 -26.11
C THR B 414 21.14 7.96 -27.00
N ASP B 415 21.76 9.13 -27.09
CA ASP B 415 21.27 10.20 -27.95
C ASP B 415 19.90 10.72 -27.54
N LYS B 416 19.71 10.84 -26.24
CA LYS B 416 18.55 11.53 -25.72
C LYS B 416 18.75 13.01 -26.03
N GLN B 417 17.65 13.76 -26.10
CA GLN B 417 17.72 15.15 -26.48
C GLN B 417 17.35 16.09 -25.33
N ALA B 418 16.09 16.10 -24.94
CA ALA B 418 15.66 16.97 -23.86
C ALA B 418 16.14 16.50 -22.50
N ILE B 419 16.40 17.48 -21.62
CA ILE B 419 16.53 17.21 -20.20
C ILE B 419 15.39 17.92 -19.46
N GLY B 420 15.44 19.24 -19.41
CA GLY B 420 14.38 20.00 -18.76
C GLY B 420 14.37 19.82 -17.25
N HIS B 421 13.17 19.91 -16.68
CA HIS B 421 13.00 19.81 -15.23
C HIS B 421 13.49 18.47 -14.70
N LYS B 422 13.17 17.40 -15.43
CA LYS B 422 13.58 16.06 -15.04
C LYS B 422 13.48 15.10 -16.22
N TRP B 423 14.50 14.26 -16.39
CA TRP B 423 14.37 13.13 -17.30
C TRP B 423 14.78 11.83 -16.58
N ILE B 424 13.95 10.80 -16.76
CA ILE B 424 14.21 9.50 -16.15
C ILE B 424 14.35 8.44 -17.25
N VAL B 425 15.40 7.63 -17.15
CA VAL B 425 15.55 6.49 -18.05
C VAL B 425 15.66 5.20 -17.26
N ARG B 426 14.87 4.21 -17.66
CA ARG B 426 14.87 2.88 -17.07
C ARG B 426 15.58 1.97 -18.05
N LEU B 427 16.38 1.03 -17.54
CA LEU B 427 17.19 0.23 -18.41
C LEU B 427 17.36 -1.19 -17.91
N ALA B 428 17.73 -2.07 -18.82
CA ALA B 428 18.15 -3.42 -18.46
C ALA B 428 19.29 -3.25 -17.49
N PRO B 429 19.19 -3.88 -16.31
CA PRO B 429 20.14 -3.70 -15.21
C PRO B 429 21.59 -4.03 -15.62
N VAL B 430 22.50 -3.14 -15.27
CA VAL B 430 23.90 -3.31 -15.61
C VAL B 430 24.77 -3.28 -14.36
N LYS B 431 25.97 -3.84 -14.45
CA LYS B 431 26.94 -3.68 -13.37
C LYS B 431 28.08 -2.80 -13.89
N ALA B 432 28.48 -1.81 -13.09
CA ALA B 432 29.45 -0.82 -13.54
C ALA B 432 30.44 -0.37 -12.46
N LYS B 433 31.66 -0.01 -12.89
CA LYS B 433 32.68 0.48 -11.97
C LYS B 433 32.89 1.96 -12.25
N GLN B 434 32.60 2.34 -13.48
CA GLN B 434 32.62 3.74 -13.89
C GLN B 434 31.42 4.09 -14.76
N VAL B 435 30.91 5.30 -14.58
CA VAL B 435 29.79 5.76 -15.38
C VAL B 435 30.16 7.05 -16.09
N ARG B 436 29.86 7.12 -17.38
CA ARG B 436 30.16 8.30 -18.18
C ARG B 436 28.90 9.06 -18.61
N LEU B 437 28.82 10.32 -18.18
CA LEU B 437 27.77 11.22 -18.67
C LEU B 437 28.29 12.06 -19.83
N ARG B 438 27.78 11.79 -21.03
CA ARG B 438 28.19 12.53 -22.23
C ARG B 438 27.22 13.65 -22.64
N ILE B 439 27.64 14.89 -22.50
CA ILE B 439 26.84 16.00 -23.03
C ILE B 439 27.33 16.31 -24.45
N GLN B 440 26.56 15.91 -25.46
CA GLN B 440 27.03 15.94 -26.84
C GLN B 440 26.62 17.16 -27.67
N ASP B 441 25.63 17.92 -27.21
CA ASP B 441 25.18 19.09 -27.97
C ASP B 441 24.27 19.99 -27.15
N GLY B 442 24.11 21.22 -27.62
CA GLY B 442 23.36 22.23 -26.90
C GLY B 442 23.31 23.60 -27.54
N LYS B 443 22.35 24.39 -27.09
CA LYS B 443 22.25 25.77 -27.51
C LYS B 443 23.20 26.58 -26.64
N ALA B 444 23.60 26.01 -25.52
CA ALA B 444 24.48 26.69 -24.59
C ALA B 444 25.20 25.70 -23.67
N CYS B 445 26.07 26.23 -22.82
CA CYS B 445 26.83 25.39 -21.91
C CYS B 445 25.86 24.76 -20.91
N PRO B 446 26.12 23.50 -20.53
CA PRO B 446 25.23 22.75 -19.63
C PRO B 446 25.09 23.41 -18.27
N ALA B 447 23.90 23.28 -17.70
CA ALA B 447 23.65 23.64 -16.30
C ALA B 447 22.81 22.49 -15.73
N ILE B 448 23.44 21.66 -14.90
CA ILE B 448 22.83 20.42 -14.49
C ILE B 448 22.83 20.27 -12.99
N HIS B 449 21.62 20.24 -12.42
CA HIS B 449 21.39 20.23 -10.98
C HIS B 449 21.74 18.91 -10.38
N THR B 450 21.37 17.85 -11.09
CA THR B 450 21.30 16.51 -10.52
C THR B 450 21.59 15.48 -11.59
N PHE B 451 22.41 14.50 -11.24
CA PHE B 451 22.53 13.28 -12.04
C PHE B 451 22.70 12.11 -11.09
N GLY B 452 22.03 11.01 -11.38
CA GLY B 452 22.09 9.85 -10.52
C GLY B 452 21.75 8.56 -11.24
N VAL B 453 22.24 7.45 -10.70
CA VAL B 453 21.76 6.14 -11.13
C VAL B 453 21.22 5.40 -9.92
N TYR B 454 20.27 4.51 -10.18
CA TYR B 454 19.43 3.99 -9.13
C TYR B 454 19.06 2.55 -9.41
N LYS B 455 18.63 1.85 -8.36
CA LYS B 455 18.10 0.51 -8.50
C LYS B 455 16.59 0.57 -8.23
N GLN B 456 15.79 0.14 -9.21
CA GLN B 456 14.33 0.23 -9.10
C GLN B 456 13.81 -0.63 -7.97
N SER B 457 12.74 -0.17 -7.31
CA SER B 457 12.21 -0.84 -6.15
C SER B 457 11.50 -2.14 -6.50
N PRO B 458 11.60 -3.14 -5.60
CA PRO B 458 10.90 -4.42 -5.75
C PRO B 458 9.43 -4.19 -6.03
N VAL B 459 8.87 -3.18 -5.37
CA VAL B 459 7.48 -2.78 -5.53
C VAL B 459 7.07 -2.68 -7.00
N PHE B 460 8.02 -2.30 -7.84
CA PHE B 460 7.81 -2.26 -9.28
C PHE B 460 8.15 -3.61 -9.91
#